data_4ACH
#
_entry.id   4ACH
#
_cell.length_a   83.949
_cell.length_b   85.167
_cell.length_c   178.389
_cell.angle_alpha   90.00
_cell.angle_beta   90.00
_cell.angle_gamma   90.00
#
_symmetry.space_group_name_H-M   'P 21 21 21'
#
loop_
_entity.id
_entity.type
_entity.pdbx_description
1 polymer 'GLYCOGEN SYNTHASE KINASE-3 BETA'
2 non-polymer 3-AMINO-N-(3-METHOXYPROPYL)-6-{4-[(4-METHYLPIPERAZIN-1-YL)SULFONYL]PHENYL}PYRAZINE-2-CARBOXAMIDE
3 water water
#
_entity_poly.entity_id   1
_entity_poly.type   'polypeptide(L)'
_entity_poly.pdbx_seq_one_letter_code
;MSYYHHHHHHDYDIPTTENLYFQGAMGSSHHHHHHSSGLVPRGSHMSGRPRTTSFAESCKPVQQPSAFGSMKVSRDKDGS
KVTTVVATPGQGPDRPQEVSYTDTKVIGNGSFGVVYQAKLCDSGELVAIKKVLQDKRFKNRELQIMRKLDHCNIVRLRYF
FYSSGEKKDEVYLNLVLDYVPETVYRVARHYSRAKQTLPVIYVKLYMYQLFRSLAYIHSFGICHRDIKPQNLLLDPDTAV
LKLCDFGSAKQLVRGEPNVSYICSRYYRAPELIFGATDYTSSIDVWSAGCVLAELLLGQPIFPGDSGVDQLVEIIKVLGT
PTREQIREMNPNYTEFKFPQIKAHPWTKVFRPRTPPEAIALCSRLLEYTPTARLTPLEACAHSFFDELRDPNVKLPNGRD
TPALFNFTTQELSSNPPLATILIPPHARIQAAASTPTNATAASDANTGDRGQTNNAASASASNST
;
_entity_poly.pdbx_strand_id   A,B
#
loop_
_chem_comp.id
_chem_comp.type
_chem_comp.name
_chem_comp.formula
KDI non-polymer 3-AMINO-N-(3-METHOXYPROPYL)-6-{4-[(4-METHYLPIPERAZIN-1-YL)SULFONYL]PHENYL}PYRAZINE-2-CARBOXAMIDE 'C20 H28 N6 O4 S'
#
# COMPACT_ATOMS: atom_id res chain seq x y z
N SER A 80 -33.24 22.48 -0.94
CA SER A 80 -33.74 23.78 -0.49
C SER A 80 -32.92 24.94 -1.10
N LYS A 81 -31.59 24.96 -0.83
CA LYS A 81 -30.63 25.95 -1.32
C LYS A 81 -30.40 25.72 -2.82
N VAL A 82 -30.63 26.76 -3.67
CA VAL A 82 -30.40 26.67 -5.11
C VAL A 82 -29.14 27.47 -5.49
N THR A 83 -28.18 26.80 -6.15
CA THR A 83 -26.93 27.44 -6.60
C THR A 83 -26.97 27.61 -8.11
N THR A 84 -26.75 28.85 -8.57
CA THR A 84 -26.71 29.18 -9.99
C THR A 84 -25.29 29.62 -10.36
N VAL A 85 -24.75 29.03 -11.44
CA VAL A 85 -23.41 29.31 -11.92
C VAL A 85 -23.40 29.53 -13.41
N VAL A 86 -22.35 30.18 -13.92
CA VAL A 86 -22.19 30.35 -15.36
C VAL A 86 -21.05 29.40 -15.73
N ALA A 87 -21.45 28.19 -16.14
CA ALA A 87 -20.55 27.09 -16.45
C ALA A 87 -20.36 26.92 -17.95
N THR A 88 -19.11 26.61 -18.33
CA THR A 88 -18.71 26.34 -19.71
C THR A 88 -18.99 24.86 -19.97
N PRO A 89 -19.59 24.47 -21.13
CA PRO A 89 -19.79 23.03 -21.41
C PRO A 89 -18.44 22.33 -21.63
N GLY A 90 -18.34 21.07 -21.19
CA GLY A 90 -17.12 20.26 -21.27
C GLY A 90 -16.56 20.04 -22.66
N GLN A 91 -17.47 19.78 -23.61
CA GLN A 91 -17.14 19.55 -25.00
C GLN A 91 -17.86 20.58 -25.86
N GLY A 92 -17.39 20.74 -27.09
CA GLY A 92 -17.97 21.66 -28.05
C GLY A 92 -17.50 23.09 -27.90
N PRO A 93 -18.25 24.06 -28.50
CA PRO A 93 -17.83 25.46 -28.44
C PRO A 93 -17.88 26.06 -27.04
N ASP A 94 -16.94 26.97 -26.73
CA ASP A 94 -16.85 27.65 -25.45
C ASP A 94 -18.00 28.68 -25.33
N ARG A 95 -19.19 28.17 -24.99
CA ARG A 95 -20.41 28.93 -24.86
C ARG A 95 -21.02 28.76 -23.48
N PRO A 96 -20.55 29.53 -22.48
CA PRO A 96 -21.10 29.38 -21.12
C PRO A 96 -22.61 29.47 -21.00
N GLN A 97 -23.15 28.75 -20.01
CA GLN A 97 -24.60 28.67 -19.75
C GLN A 97 -24.86 28.80 -18.27
N GLU A 98 -26.06 29.31 -17.93
CA GLU A 98 -26.52 29.40 -16.55
C GLU A 98 -26.97 27.99 -16.16
N VAL A 99 -26.25 27.40 -15.20
CA VAL A 99 -26.53 26.06 -14.70
C VAL A 99 -26.98 26.21 -13.25
N SER A 100 -28.21 25.77 -12.95
CA SER A 100 -28.75 25.83 -11.60
C SER A 100 -28.87 24.44 -11.02
N TYR A 101 -28.40 24.25 -9.78
CA TYR A 101 -28.43 22.97 -9.08
C TYR A 101 -28.80 23.07 -7.61
N THR A 102 -29.39 22.00 -7.08
CA THR A 102 -29.81 21.91 -5.68
C THR A 102 -29.46 20.53 -5.07
N ASP A 103 -29.90 20.29 -3.80
CA ASP A 103 -29.73 19.05 -3.03
C ASP A 103 -28.26 18.59 -2.99
N THR A 104 -27.36 19.53 -2.68
CA THR A 104 -25.92 19.29 -2.64
C THR A 104 -25.49 18.53 -1.38
N LYS A 105 -25.01 17.29 -1.57
CA LYS A 105 -24.51 16.40 -0.53
C LYS A 105 -23.11 15.92 -0.92
N VAL A 106 -22.21 15.75 0.06
CA VAL A 106 -20.85 15.25 -0.16
C VAL A 106 -20.94 13.73 -0.39
N ILE A 107 -20.29 13.20 -1.44
CA ILE A 107 -20.28 11.75 -1.73
C ILE A 107 -18.88 11.13 -1.74
N GLY A 108 -17.89 12.00 -1.52
CA GLY A 108 -16.48 11.62 -1.50
C GLY A 108 -15.58 12.75 -1.03
N ASN A 109 -14.49 12.35 -0.37
CA ASN A 109 -13.44 13.22 0.17
C ASN A 109 -12.16 12.48 -0.07
N GLY A 110 -11.41 12.94 -1.08
CA GLY A 110 -10.17 12.31 -1.53
C GLY A 110 -8.99 13.23 -1.54
N SER A 111 -7.89 12.74 -2.12
CA SER A 111 -6.60 13.41 -2.18
C SER A 111 -6.65 14.92 -2.50
N PHE A 112 -7.22 15.32 -3.64
CA PHE A 112 -7.20 16.76 -3.79
C PHE A 112 -8.44 17.58 -3.46
N GLY A 113 -9.55 16.92 -3.13
CA GLY A 113 -10.73 17.66 -2.73
C GLY A 113 -11.97 16.88 -2.40
N VAL A 114 -13.12 17.44 -2.79
CA VAL A 114 -14.44 16.91 -2.47
C VAL A 114 -15.25 16.61 -3.72
N VAL A 115 -16.02 15.51 -3.67
CA VAL A 115 -16.95 15.11 -4.72
C VAL A 115 -18.33 15.25 -4.09
N TYR A 116 -19.23 15.99 -4.78
CA TYR A 116 -20.58 16.24 -4.33
C TYR A 116 -21.54 15.61 -5.30
N GLN A 117 -22.74 15.34 -4.85
CA GLN A 117 -23.85 14.89 -5.65
C GLN A 117 -24.77 16.13 -5.62
N ALA A 118 -25.44 16.43 -6.74
CA ALA A 118 -26.36 17.56 -6.83
C ALA A 118 -27.39 17.25 -7.89
N LYS A 119 -28.55 17.91 -7.79
CA LYS A 119 -29.64 17.74 -8.73
C LYS A 119 -29.78 19.01 -9.56
N LEU A 120 -29.82 18.85 -10.89
CA LEU A 120 -30.00 19.96 -11.81
C LEU A 120 -31.47 20.38 -11.73
N CYS A 121 -31.73 21.66 -11.46
CA CYS A 121 -33.09 22.21 -11.31
C CYS A 121 -33.90 22.08 -12.60
N ASP A 122 -33.18 22.21 -13.73
CA ASP A 122 -33.68 22.18 -15.11
C ASP A 122 -33.33 20.89 -15.89
N SER A 123 -33.84 19.75 -15.39
CA SER A 123 -33.92 18.34 -15.83
C SER A 123 -34.26 17.41 -14.67
N GLY A 124 -33.74 17.70 -13.49
CA GLY A 124 -33.93 16.86 -12.31
C GLY A 124 -32.84 15.79 -12.25
N GLU A 125 -32.07 15.71 -13.37
CA GLU A 125 -30.93 14.82 -13.63
C GLU A 125 -29.88 14.96 -12.53
N LEU A 126 -29.31 13.83 -12.07
CA LEU A 126 -28.27 13.83 -11.05
C LEU A 126 -26.89 13.98 -11.66
N VAL A 127 -26.05 14.74 -10.98
CA VAL A 127 -24.67 15.00 -11.41
C VAL A 127 -23.73 14.87 -10.21
N ALA A 128 -22.43 14.75 -10.50
CA ALA A 128 -21.39 14.76 -9.49
C ALA A 128 -20.57 16.01 -9.78
N ILE A 129 -20.11 16.71 -8.73
CA ILE A 129 -19.29 17.92 -8.88
C ILE A 129 -17.98 17.70 -8.15
N LYS A 130 -16.86 17.65 -8.88
CA LYS A 130 -15.56 17.48 -8.23
C LYS A 130 -14.94 18.86 -8.03
N LYS A 131 -14.69 19.22 -6.76
CA LYS A 131 -14.11 20.49 -6.34
C LYS A 131 -12.65 20.34 -5.93
N VAL A 132 -11.76 20.97 -6.68
CA VAL A 132 -10.33 20.94 -6.43
C VAL A 132 -9.81 22.37 -6.39
N LEU A 133 -8.76 22.60 -5.60
CA LEU A 133 -8.13 23.91 -5.46
C LEU A 133 -7.21 24.15 -6.66
N GLN A 134 -7.45 25.24 -7.40
CA GLN A 134 -6.62 25.51 -8.58
C GLN A 134 -5.51 26.50 -8.40
N ASP A 135 -4.34 26.21 -9.00
CA ASP A 135 -3.19 27.10 -8.97
C ASP A 135 -3.10 27.96 -10.24
N LYS A 136 -2.70 29.23 -10.15
CA LYS A 136 -2.59 30.12 -11.32
C LYS A 136 -1.35 29.77 -12.19
N ARG A 137 -0.37 29.09 -11.55
CA ARG A 137 0.92 28.62 -12.06
C ARG A 137 0.73 27.71 -13.28
N PHE A 138 -0.30 26.84 -13.26
CA PHE A 138 -0.59 25.88 -14.32
C PHE A 138 -2.08 25.68 -14.56
N LYS A 139 -2.42 25.20 -15.78
CA LYS A 139 -3.78 24.77 -16.14
C LYS A 139 -3.99 23.41 -15.47
N ASN A 140 -5.24 23.04 -15.19
CA ASN A 140 -5.50 21.75 -14.55
C ASN A 140 -5.35 20.58 -15.56
N ARG A 141 -4.44 19.60 -15.28
CA ARG A 141 -4.19 18.44 -16.13
C ARG A 141 -5.44 17.56 -16.30
N GLU A 142 -6.18 17.30 -15.19
CA GLU A 142 -7.42 16.51 -15.24
C GLU A 142 -8.45 17.18 -16.18
N LEU A 143 -8.69 18.52 -16.04
CA LEU A 143 -9.62 19.28 -16.90
C LEU A 143 -9.25 19.17 -18.39
N GLN A 144 -7.96 19.37 -18.72
CA GLN A 144 -7.44 19.27 -20.08
C GLN A 144 -7.62 17.88 -20.65
N ILE A 145 -7.45 16.83 -19.83
CA ILE A 145 -7.72 15.46 -20.28
C ILE A 145 -9.22 15.28 -20.48
N MET A 146 -10.05 15.61 -19.46
CA MET A 146 -11.53 15.47 -19.49
C MET A 146 -12.18 16.11 -20.71
N ARG A 147 -11.77 17.36 -21.07
CA ARG A 147 -12.29 18.15 -22.19
C ARG A 147 -12.17 17.42 -23.55
N LYS A 148 -11.07 16.61 -23.75
CA LYS A 148 -10.77 15.83 -24.96
C LYS A 148 -11.54 14.52 -25.08
N LEU A 149 -12.21 14.03 -24.02
CA LEU A 149 -12.84 12.71 -24.03
C LEU A 149 -14.33 12.65 -24.22
N ASP A 150 -14.77 11.64 -25.00
CA ASP A 150 -16.18 11.35 -25.26
C ASP A 150 -16.32 9.87 -25.62
N HIS A 151 -16.68 9.07 -24.61
CA HIS A 151 -16.86 7.63 -24.74
C HIS A 151 -17.95 7.17 -23.80
N CYS A 152 -18.76 6.21 -24.24
CA CYS A 152 -19.88 5.64 -23.48
C CYS A 152 -19.48 4.96 -22.18
N ASN A 153 -18.21 4.54 -22.09
CA ASN A 153 -17.61 3.86 -20.94
C ASN A 153 -16.67 4.75 -20.08
N ILE A 154 -16.84 6.09 -20.24
CA ILE A 154 -16.09 7.11 -19.49
C ILE A 154 -17.07 8.18 -19.03
N VAL A 155 -17.00 8.50 -17.71
CA VAL A 155 -17.78 9.56 -17.07
C VAL A 155 -17.54 10.87 -17.86
N ARG A 156 -18.63 11.51 -18.25
CA ARG A 156 -18.56 12.71 -19.08
C ARG A 156 -18.43 13.99 -18.29
N LEU A 157 -17.52 14.88 -18.74
CA LEU A 157 -17.38 16.22 -18.18
C LEU A 157 -18.50 17.03 -18.84
N ARG A 158 -19.56 17.31 -18.09
CA ARG A 158 -20.71 18.05 -18.59
C ARG A 158 -20.43 19.54 -18.68
N TYR A 159 -19.92 20.12 -17.58
CA TYR A 159 -19.56 21.53 -17.45
C TYR A 159 -18.38 21.64 -16.52
N PHE A 160 -17.83 22.84 -16.45
CA PHE A 160 -16.79 23.23 -15.53
C PHE A 160 -16.95 24.73 -15.27
N PHE A 161 -16.66 25.15 -14.03
CA PHE A 161 -16.75 26.54 -13.60
C PHE A 161 -15.76 26.77 -12.47
N TYR A 162 -15.47 28.04 -12.19
CA TYR A 162 -14.56 28.40 -11.10
C TYR A 162 -15.34 29.08 -9.96
N SER A 163 -14.84 28.97 -8.72
CA SER A 163 -15.48 29.53 -7.52
C SER A 163 -14.52 29.58 -6.32
N SER A 164 -15.06 29.64 -5.10
CA SER A 164 -14.31 29.62 -3.83
C SER A 164 -15.03 28.74 -2.77
N GLY A 165 -14.31 28.43 -1.69
CA GLY A 165 -14.81 27.57 -0.60
C GLY A 165 -14.04 27.73 0.69
N GLU A 166 -12.72 28.02 0.59
CA GLU A 166 -11.91 28.27 1.78
C GLU A 166 -11.49 29.74 1.91
N LYS A 167 -10.76 30.04 2.98
CA LYS A 167 -10.33 31.36 3.43
C LYS A 167 -9.68 32.37 2.45
N LYS A 168 -10.44 32.84 1.41
CA LYS A 168 -10.11 33.90 0.45
C LYS A 168 -8.85 33.68 -0.36
N ASP A 169 -8.72 34.38 -1.52
CA ASP A 169 -7.58 34.29 -2.46
C ASP A 169 -7.49 32.92 -3.16
N GLU A 170 -8.08 31.88 -2.54
CA GLU A 170 -8.09 30.52 -3.07
C GLU A 170 -9.23 30.25 -4.06
N VAL A 171 -8.83 29.91 -5.30
CA VAL A 171 -9.73 29.59 -6.43
C VAL A 171 -9.96 28.08 -6.56
N TYR A 172 -11.23 27.68 -6.76
CA TYR A 172 -11.65 26.28 -6.89
C TYR A 172 -12.17 25.93 -8.28
N LEU A 173 -11.64 24.84 -8.88
CA LEU A 173 -12.13 24.34 -10.16
C LEU A 173 -13.20 23.32 -9.83
N ASN A 174 -14.36 23.43 -10.48
CA ASN A 174 -15.47 22.52 -10.26
C ASN A 174 -15.79 21.76 -11.52
N LEU A 175 -15.61 20.43 -11.50
CA LEU A 175 -15.92 19.60 -12.65
C LEU A 175 -17.31 18.97 -12.44
N VAL A 176 -18.30 19.36 -13.27
CA VAL A 176 -19.67 18.83 -13.25
C VAL A 176 -19.64 17.58 -14.15
N LEU A 177 -19.80 16.42 -13.53
CA LEU A 177 -19.70 15.13 -14.21
C LEU A 177 -20.98 14.36 -14.15
N ASP A 178 -21.08 13.32 -15.01
CA ASP A 178 -22.17 12.35 -15.02
C ASP A 178 -22.16 11.73 -13.62
N TYR A 179 -23.33 11.42 -13.07
CA TYR A 179 -23.41 10.71 -11.80
C TYR A 179 -23.76 9.24 -12.13
N VAL A 180 -22.92 8.29 -11.69
CA VAL A 180 -23.13 6.85 -11.91
C VAL A 180 -23.33 6.28 -10.51
N PRO A 181 -24.50 5.63 -10.26
CA PRO A 181 -24.85 5.25 -8.87
C PRO A 181 -23.99 4.28 -8.06
N GLU A 182 -23.40 3.27 -8.67
CA GLU A 182 -22.62 2.28 -7.92
C GLU A 182 -21.17 2.17 -8.38
N THR A 183 -20.37 1.43 -7.63
CA THR A 183 -18.96 1.15 -7.94
C THR A 183 -18.76 -0.36 -8.00
N VAL A 184 -17.76 -0.82 -8.79
CA VAL A 184 -17.40 -2.25 -8.89
C VAL A 184 -16.97 -2.75 -7.52
N TYR A 185 -16.30 -1.88 -6.74
CA TYR A 185 -15.80 -2.12 -5.39
C TYR A 185 -16.92 -2.54 -4.43
N ARG A 186 -17.99 -1.73 -4.36
CA ARG A 186 -19.15 -1.99 -3.49
C ARG A 186 -19.85 -3.27 -3.89
N VAL A 187 -20.12 -3.44 -5.20
CA VAL A 187 -20.78 -4.63 -5.75
C VAL A 187 -19.95 -5.90 -5.47
N ALA A 188 -18.64 -5.89 -5.78
CA ALA A 188 -17.77 -7.03 -5.49
C ALA A 188 -17.83 -7.38 -3.99
N ARG A 189 -17.89 -6.33 -3.12
CA ARG A 189 -17.98 -6.43 -1.66
C ARG A 189 -19.28 -7.13 -1.20
N HIS A 190 -20.43 -6.81 -1.85
CA HIS A 190 -21.73 -7.42 -1.55
C HIS A 190 -21.66 -8.93 -1.71
N TYR A 191 -21.16 -9.37 -2.86
CA TYR A 191 -21.02 -10.78 -3.21
C TYR A 191 -20.06 -11.47 -2.27
N SER A 192 -18.91 -10.82 -1.97
CA SER A 192 -17.91 -11.35 -1.05
C SER A 192 -18.52 -11.63 0.35
N ARG A 193 -19.27 -10.65 0.88
CA ARG A 193 -19.97 -10.72 2.16
C ARG A 193 -21.01 -11.84 2.20
N ALA A 194 -21.72 -12.06 1.08
CA ALA A 194 -22.74 -13.10 0.94
C ALA A 194 -22.11 -14.46 0.55
N LYS A 195 -20.77 -14.56 0.61
CA LYS A 195 -19.96 -15.75 0.26
C LYS A 195 -20.23 -16.27 -1.18
N GLN A 196 -20.71 -15.37 -2.05
CA GLN A 196 -21.05 -15.59 -3.46
C GLN A 196 -20.05 -14.87 -4.37
N THR A 197 -20.11 -15.17 -5.68
CA THR A 197 -19.29 -14.50 -6.69
C THR A 197 -20.21 -13.81 -7.68
N LEU A 198 -19.74 -12.69 -8.24
CA LEU A 198 -20.50 -11.94 -9.22
C LEU A 198 -20.70 -12.85 -10.44
N PRO A 199 -21.97 -13.05 -10.90
CA PRO A 199 -22.20 -13.88 -12.09
C PRO A 199 -21.29 -13.54 -13.27
N VAL A 200 -20.76 -14.58 -13.94
CA VAL A 200 -19.82 -14.47 -15.07
C VAL A 200 -20.29 -13.51 -16.18
N ILE A 201 -21.62 -13.38 -16.41
CA ILE A 201 -22.15 -12.44 -17.40
C ILE A 201 -21.76 -11.00 -17.10
N TYR A 202 -21.80 -10.63 -15.80
CA TYR A 202 -21.40 -9.32 -15.33
C TYR A 202 -19.89 -9.13 -15.39
N VAL A 203 -19.12 -10.22 -15.15
CA VAL A 203 -17.66 -10.18 -15.24
C VAL A 203 -17.26 -9.83 -16.68
N LYS A 204 -17.94 -10.44 -17.69
CA LYS A 204 -17.74 -10.19 -19.12
C LYS A 204 -18.19 -8.79 -19.48
N LEU A 205 -19.41 -8.37 -19.07
CA LEU A 205 -19.94 -7.03 -19.36
C LEU A 205 -19.08 -5.91 -18.82
N TYR A 206 -18.70 -6.00 -17.54
CA TYR A 206 -17.90 -4.99 -16.85
C TYR A 206 -16.47 -4.93 -17.38
N MET A 207 -15.81 -6.11 -17.54
CA MET A 207 -14.44 -6.17 -18.03
C MET A 207 -14.29 -5.72 -19.48
N TYR A 208 -15.23 -6.13 -20.38
CA TYR A 208 -15.22 -5.71 -21.78
C TYR A 208 -15.31 -4.18 -21.86
N GLN A 209 -16.27 -3.59 -21.16
CA GLN A 209 -16.50 -2.14 -21.12
C GLN A 209 -15.29 -1.38 -20.58
N LEU A 210 -14.56 -1.99 -19.62
CA LEU A 210 -13.33 -1.39 -19.07
C LEU A 210 -12.26 -1.36 -20.17
N PHE A 211 -12.09 -2.50 -20.90
CA PHE A 211 -11.13 -2.57 -21.98
C PHE A 211 -11.47 -1.61 -23.10
N ARG A 212 -12.77 -1.38 -23.40
CA ARG A 212 -13.19 -0.39 -24.42
C ARG A 212 -12.76 1.02 -23.99
N SER A 213 -13.00 1.37 -22.71
CA SER A 213 -12.60 2.68 -22.19
C SER A 213 -11.06 2.85 -22.25
N LEU A 214 -10.32 1.75 -21.96
CA LEU A 214 -8.87 1.74 -22.00
C LEU A 214 -8.34 1.89 -23.43
N ALA A 215 -8.92 1.16 -24.42
CA ALA A 215 -8.58 1.25 -25.85
C ALA A 215 -8.72 2.72 -26.30
N TYR A 216 -9.80 3.37 -25.88
CA TYR A 216 -10.11 4.77 -26.18
C TYR A 216 -9.05 5.72 -25.63
N ILE A 217 -8.86 5.80 -24.28
CA ILE A 217 -7.86 6.71 -23.69
C ILE A 217 -6.43 6.46 -24.20
N HIS A 218 -6.05 5.17 -24.32
CA HIS A 218 -4.74 4.75 -24.82
C HIS A 218 -4.47 5.22 -26.25
N SER A 219 -5.53 5.30 -27.10
CA SER A 219 -5.45 5.77 -28.50
C SER A 219 -4.99 7.25 -28.60
N PHE A 220 -5.12 8.01 -27.50
CA PHE A 220 -4.66 9.40 -27.41
C PHE A 220 -3.32 9.49 -26.64
N GLY A 221 -2.77 8.33 -26.28
CA GLY A 221 -1.52 8.23 -25.51
C GLY A 221 -1.71 8.44 -24.02
N ILE A 222 -2.97 8.56 -23.56
CA ILE A 222 -3.35 8.78 -22.16
C ILE A 222 -3.46 7.46 -21.37
N CYS A 223 -2.73 7.40 -20.24
CA CYS A 223 -2.69 6.31 -19.27
C CYS A 223 -3.44 6.72 -18.03
N HIS A 224 -4.44 5.91 -17.59
CA HIS A 224 -5.23 6.21 -16.41
C HIS A 224 -4.33 6.26 -15.13
N ARG A 225 -3.47 5.24 -14.93
CA ARG A 225 -2.51 5.12 -13.81
C ARG A 225 -3.10 4.79 -12.43
N ASP A 226 -4.44 4.65 -12.33
CA ASP A 226 -5.10 4.30 -11.07
C ASP A 226 -6.32 3.40 -11.28
N ILE A 227 -6.15 2.34 -12.09
CA ILE A 227 -7.22 1.38 -12.36
C ILE A 227 -7.39 0.48 -11.13
N LYS A 228 -8.58 0.48 -10.57
CA LYS A 228 -8.95 -0.25 -9.37
C LYS A 228 -10.48 -0.27 -9.28
N PRO A 229 -11.08 -1.27 -8.57
CA PRO A 229 -12.55 -1.32 -8.44
C PRO A 229 -13.27 -0.04 -8.01
N GLN A 230 -12.68 0.78 -7.16
CA GLN A 230 -13.30 2.04 -6.70
C GLN A 230 -13.47 3.09 -7.82
N ASN A 231 -12.70 2.96 -8.91
CA ASN A 231 -12.70 3.92 -10.02
C ASN A 231 -13.52 3.45 -11.22
N LEU A 232 -14.21 2.32 -11.05
CA LEU A 232 -15.08 1.70 -12.03
C LEU A 232 -16.54 1.80 -11.54
N LEU A 233 -17.28 2.77 -12.11
CA LEU A 233 -18.67 3.09 -11.78
C LEU A 233 -19.66 2.24 -12.59
N LEU A 234 -20.83 1.91 -11.99
CA LEU A 234 -21.83 1.06 -12.66
C LEU A 234 -23.22 1.59 -12.48
N ASP A 235 -24.03 1.36 -13.52
CA ASP A 235 -25.46 1.54 -13.49
C ASP A 235 -25.99 0.10 -13.41
N PRO A 236 -26.54 -0.29 -12.23
CA PRO A 236 -26.99 -1.69 -12.06
C PRO A 236 -28.12 -2.13 -12.98
N ASP A 237 -28.99 -1.19 -13.38
CA ASP A 237 -30.13 -1.47 -14.25
C ASP A 237 -29.73 -1.66 -15.71
N THR A 238 -28.83 -0.79 -16.20
CA THR A 238 -28.38 -0.81 -17.59
C THR A 238 -27.13 -1.64 -17.87
N ALA A 239 -26.40 -2.08 -16.79
CA ALA A 239 -25.15 -2.87 -16.82
C ALA A 239 -24.00 -2.10 -17.49
N VAL A 240 -24.15 -0.76 -17.53
CA VAL A 240 -23.19 0.17 -18.09
C VAL A 240 -22.14 0.44 -17.05
N LEU A 241 -20.88 0.31 -17.46
CA LEU A 241 -19.72 0.62 -16.65
C LEU A 241 -19.14 1.92 -17.24
N LYS A 242 -18.72 2.83 -16.37
CA LYS A 242 -18.07 4.08 -16.74
C LYS A 242 -16.82 4.31 -15.88
N LEU A 243 -15.67 4.49 -16.55
CA LEU A 243 -14.40 4.78 -15.91
C LEU A 243 -14.46 6.20 -15.37
N CYS A 244 -13.89 6.40 -14.17
CA CYS A 244 -13.80 7.72 -13.54
C CYS A 244 -12.44 7.93 -12.93
N ASP A 245 -12.26 9.13 -12.33
CA ASP A 245 -11.05 9.63 -11.69
C ASP A 245 -9.90 9.83 -12.66
N PHE A 246 -9.79 11.05 -13.22
CA PHE A 246 -8.71 11.37 -14.14
C PHE A 246 -7.64 12.24 -13.48
N GLY A 247 -7.56 12.11 -12.15
CA GLY A 247 -6.60 12.80 -11.30
C GLY A 247 -5.16 12.35 -11.47
N SER A 248 -4.96 11.04 -11.72
CA SER A 248 -3.64 10.41 -11.91
C SER A 248 -3.29 10.26 -13.40
N ALA A 249 -4.30 10.46 -14.29
CA ALA A 249 -4.14 10.33 -15.74
C ALA A 249 -3.06 11.24 -16.32
N LYS A 250 -2.27 10.69 -17.24
CA LYS A 250 -1.20 11.46 -17.90
C LYS A 250 -0.93 10.92 -19.28
N GLN A 251 -0.58 11.84 -20.21
CA GLN A 251 -0.18 11.44 -21.55
C GLN A 251 1.28 11.00 -21.49
N LEU A 252 1.50 9.69 -21.66
CA LEU A 252 2.83 9.11 -21.60
C LEU A 252 3.57 9.28 -22.95
N VAL A 253 4.67 10.03 -22.92
CA VAL A 253 5.52 10.28 -24.10
C VAL A 253 6.80 9.46 -23.92
N ARG A 254 7.15 8.63 -24.93
CA ARG A 254 8.33 7.77 -24.92
C ARG A 254 9.60 8.59 -24.71
N GLY A 255 10.46 8.13 -23.81
CA GLY A 255 11.70 8.82 -23.47
C GLY A 255 11.57 9.79 -22.30
N GLU A 256 10.35 10.32 -22.04
CA GLU A 256 10.09 11.22 -20.91
C GLU A 256 9.87 10.39 -19.63
N PRO A 257 10.47 10.76 -18.48
CA PRO A 257 10.26 9.96 -17.25
C PRO A 257 8.96 10.32 -16.52
N ASN A 258 8.37 9.33 -15.84
CA ASN A 258 7.11 9.50 -15.10
C ASN A 258 7.26 8.94 -13.69
N VAL A 259 6.52 9.51 -12.73
CA VAL A 259 6.54 9.06 -11.32
C VAL A 259 6.14 7.58 -11.19
N SER A 260 6.88 6.79 -10.42
CA SER A 260 6.54 5.37 -10.24
C SER A 260 5.56 5.17 -9.07
N TYR A 261 5.32 6.19 -8.22
CA TYR A 261 4.44 6.11 -7.04
C TYR A 261 2.95 6.31 -7.26
N ILE A 262 2.51 6.11 -8.51
CA ILE A 262 1.09 6.17 -8.85
C ILE A 262 0.59 4.74 -8.71
N CYS A 263 -0.73 4.56 -8.70
CA CYS A 263 -1.36 3.25 -8.61
C CYS A 263 -1.50 2.71 -7.20
N SER A 264 -2.68 2.17 -6.90
CA SER A 264 -3.05 1.67 -5.59
C SER A 264 -2.64 0.23 -5.30
N ARG A 265 -2.25 -0.04 -4.04
CA ARG A 265 -1.84 -1.39 -3.56
C ARG A 265 -2.83 -2.44 -3.99
N TYR A 266 -2.29 -3.55 -4.52
CA TYR A 266 -2.96 -4.72 -5.10
C TYR A 266 -3.01 -4.67 -6.63
N TYR A 267 -3.11 -3.44 -7.18
CA TYR A 267 -3.30 -3.17 -8.63
C TYR A 267 -2.08 -2.69 -9.39
N ARG A 268 -0.97 -2.55 -8.69
CA ARG A 268 0.30 -2.08 -9.25
C ARG A 268 1.05 -3.18 -10.01
N ALA A 269 1.46 -2.83 -11.25
CA ALA A 269 2.23 -3.67 -12.14
C ALA A 269 3.64 -3.89 -11.55
N PRO A 270 4.29 -5.07 -11.77
CA PRO A 270 5.65 -5.26 -11.20
C PRO A 270 6.68 -4.18 -11.53
N GLU A 271 6.65 -3.57 -12.74
CA GLU A 271 7.55 -2.46 -13.14
C GLU A 271 7.40 -1.31 -12.16
N LEU A 272 6.14 -1.03 -11.70
CA LEU A 272 5.89 0.06 -10.74
C LEU A 272 6.48 -0.26 -9.37
N ILE A 273 6.25 -1.52 -8.88
CA ILE A 273 6.77 -2.04 -7.62
C ILE A 273 8.30 -1.88 -7.63
N PHE A 274 8.93 -2.18 -8.78
CA PHE A 274 10.36 -2.04 -8.97
C PHE A 274 10.84 -0.59 -9.22
N GLY A 275 9.96 0.39 -9.09
CA GLY A 275 10.27 1.81 -9.21
C GLY A 275 10.67 2.33 -10.57
N ALA A 276 10.18 1.66 -11.68
CA ALA A 276 10.42 2.07 -13.07
C ALA A 276 9.77 3.40 -13.35
N THR A 277 10.49 4.29 -14.05
CA THR A 277 9.98 5.61 -14.42
C THR A 277 9.74 5.66 -15.94
N ASP A 278 10.09 4.54 -16.64
CA ASP A 278 9.99 4.31 -18.10
C ASP A 278 8.79 3.44 -18.52
N TYR A 279 7.81 3.27 -17.63
CA TYR A 279 6.62 2.45 -17.89
C TYR A 279 5.72 3.00 -19.01
N THR A 280 4.96 2.09 -19.65
CA THR A 280 4.02 2.39 -20.74
C THR A 280 2.58 2.28 -20.24
N SER A 281 1.61 2.45 -21.17
CA SER A 281 0.19 2.32 -20.89
C SER A 281 -0.23 0.91 -20.47
N SER A 282 0.67 -0.10 -20.64
CA SER A 282 0.40 -1.50 -20.26
C SER A 282 0.27 -1.71 -18.76
N ILE A 283 0.51 -0.63 -17.96
CA ILE A 283 0.34 -0.67 -16.51
C ILE A 283 -1.16 -0.80 -16.22
N ASP A 284 -2.02 -0.13 -17.05
CA ASP A 284 -3.49 -0.16 -16.94
C ASP A 284 -4.03 -1.55 -17.23
N VAL A 285 -3.34 -2.27 -18.14
CA VAL A 285 -3.69 -3.64 -18.53
C VAL A 285 -3.45 -4.61 -17.37
N TRP A 286 -2.30 -4.45 -16.67
CA TRP A 286 -1.98 -5.25 -15.49
C TRP A 286 -3.07 -5.04 -14.45
N SER A 287 -3.39 -3.75 -14.16
CA SER A 287 -4.43 -3.34 -13.21
C SER A 287 -5.80 -3.95 -13.57
N ALA A 288 -6.20 -3.83 -14.84
CA ALA A 288 -7.44 -4.45 -15.35
C ALA A 288 -7.42 -6.01 -15.12
N GLY A 289 -6.29 -6.65 -15.41
CA GLY A 289 -6.10 -8.09 -15.18
C GLY A 289 -6.29 -8.47 -13.71
N CYS A 290 -5.80 -7.58 -12.75
CA CYS A 290 -5.94 -7.75 -11.30
C CYS A 290 -7.41 -7.64 -10.90
N VAL A 291 -8.15 -6.75 -11.57
CA VAL A 291 -9.58 -6.53 -11.34
C VAL A 291 -10.39 -7.76 -11.78
N LEU A 292 -10.05 -8.33 -12.95
CA LEU A 292 -10.69 -9.54 -13.49
C LEU A 292 -10.50 -10.71 -12.53
N ALA A 293 -9.25 -11.00 -12.13
CA ALA A 293 -8.89 -12.08 -11.22
C ALA A 293 -9.60 -11.95 -9.88
N GLU A 294 -9.75 -10.69 -9.37
CA GLU A 294 -10.43 -10.40 -8.11
C GLU A 294 -11.92 -10.69 -8.20
N LEU A 295 -12.57 -10.39 -9.35
CA LEU A 295 -14.00 -10.63 -9.53
C LEU A 295 -14.28 -12.14 -9.63
N LEU A 296 -13.28 -12.88 -10.15
CA LEU A 296 -13.34 -14.34 -10.27
C LEU A 296 -13.10 -15.00 -8.93
N LEU A 297 -12.09 -14.53 -8.16
CA LEU A 297 -11.73 -15.09 -6.85
C LEU A 297 -12.64 -14.71 -5.69
N GLY A 298 -13.06 -13.46 -5.66
CA GLY A 298 -13.84 -12.89 -4.58
C GLY A 298 -12.96 -12.16 -3.57
N GLN A 299 -11.66 -12.00 -3.92
CA GLN A 299 -10.63 -11.32 -3.13
C GLN A 299 -9.47 -10.89 -4.05
N PRO A 300 -8.61 -9.92 -3.66
CA PRO A 300 -7.48 -9.55 -4.53
C PRO A 300 -6.54 -10.72 -4.79
N ILE A 301 -6.02 -10.79 -6.02
CA ILE A 301 -5.09 -11.84 -6.42
C ILE A 301 -3.68 -11.66 -5.82
N PHE A 302 -3.21 -10.41 -5.72
CA PHE A 302 -1.87 -10.10 -5.20
C PHE A 302 -1.91 -9.13 -4.00
N PRO A 303 -2.38 -9.61 -2.82
CA PRO A 303 -2.42 -8.72 -1.66
C PRO A 303 -1.05 -8.55 -0.99
N GLY A 304 -0.98 -7.63 -0.06
CA GLY A 304 0.23 -7.31 0.70
C GLY A 304 0.23 -5.85 1.04
N ASP A 305 0.83 -5.52 2.19
CA ASP A 305 0.92 -4.13 2.65
C ASP A 305 2.24 -3.49 2.25
N SER A 306 3.15 -4.28 1.66
CA SER A 306 4.44 -3.85 1.17
C SER A 306 4.68 -4.40 -0.22
N GLY A 307 5.55 -3.74 -0.99
CA GLY A 307 5.92 -4.15 -2.33
C GLY A 307 6.49 -5.54 -2.34
N VAL A 308 7.29 -5.84 -1.34
CA VAL A 308 7.91 -7.14 -1.15
C VAL A 308 6.88 -8.28 -0.99
N ASP A 309 5.81 -8.05 -0.21
CA ASP A 309 4.74 -9.03 0.03
C ASP A 309 3.91 -9.25 -1.24
N GLN A 310 3.64 -8.16 -1.97
CA GLN A 310 2.89 -8.16 -3.23
C GLN A 310 3.68 -8.98 -4.27
N LEU A 311 5.01 -8.72 -4.38
CA LEU A 311 5.93 -9.42 -5.28
C LEU A 311 5.98 -10.92 -4.99
N VAL A 312 5.98 -11.30 -3.71
CA VAL A 312 5.96 -12.70 -3.26
C VAL A 312 4.69 -13.38 -3.77
N GLU A 313 3.54 -12.70 -3.65
CA GLU A 313 2.24 -13.20 -4.11
C GLU A 313 2.20 -13.36 -5.65
N ILE A 314 2.84 -12.42 -6.40
CA ILE A 314 2.96 -12.44 -7.86
C ILE A 314 3.81 -13.64 -8.27
N ILE A 315 5.00 -13.81 -7.63
CA ILE A 315 5.95 -14.91 -7.87
C ILE A 315 5.30 -16.27 -7.58
N LYS A 316 4.45 -16.37 -6.53
CA LYS A 316 3.71 -17.59 -6.17
C LYS A 316 2.81 -18.11 -7.30
N VAL A 317 2.31 -17.19 -8.17
CA VAL A 317 1.41 -17.51 -9.28
C VAL A 317 2.21 -17.58 -10.58
N LEU A 318 2.91 -16.49 -10.94
CA LEU A 318 3.66 -16.38 -12.19
C LEU A 318 4.99 -17.15 -12.22
N GLY A 319 5.50 -17.56 -11.06
CA GLY A 319 6.82 -18.17 -10.96
C GLY A 319 7.86 -17.08 -10.88
N THR A 320 9.14 -17.42 -10.66
CA THR A 320 10.22 -16.44 -10.53
C THR A 320 10.49 -15.72 -11.87
N PRO A 321 10.57 -14.36 -11.91
CA PRO A 321 10.85 -13.68 -13.20
C PRO A 321 12.29 -13.94 -13.65
N THR A 322 12.49 -14.14 -14.95
CA THR A 322 13.82 -14.38 -15.53
C THR A 322 14.62 -13.06 -15.50
N ARG A 323 15.96 -13.13 -15.68
CA ARG A 323 16.79 -11.91 -15.71
C ARG A 323 16.43 -11.03 -16.90
N GLU A 324 15.90 -11.67 -17.97
CA GLU A 324 15.38 -11.00 -19.15
C GLU A 324 14.08 -10.26 -18.73
N GLN A 325 13.13 -10.99 -18.09
CA GLN A 325 11.87 -10.43 -17.58
C GLN A 325 12.11 -9.28 -16.60
N ILE A 326 13.13 -9.41 -15.72
CA ILE A 326 13.50 -8.37 -14.74
C ILE A 326 13.99 -7.11 -15.48
N ARG A 327 14.75 -7.31 -16.58
CA ARG A 327 15.29 -6.25 -17.41
C ARG A 327 14.19 -5.44 -18.10
N GLU A 328 13.15 -6.14 -18.60
CA GLU A 328 11.96 -5.55 -19.24
C GLU A 328 11.19 -4.60 -18.30
N MET A 329 11.14 -4.97 -16.98
CA MET A 329 10.50 -4.21 -15.90
C MET A 329 11.44 -3.08 -15.40
N ASN A 330 12.51 -3.44 -14.65
CA ASN A 330 13.51 -2.48 -14.19
C ASN A 330 14.94 -3.07 -14.15
N PRO A 331 15.83 -2.61 -15.06
CA PRO A 331 17.21 -3.16 -15.11
C PRO A 331 18.22 -2.72 -14.03
N ASN A 332 17.71 -2.23 -12.87
CA ASN A 332 18.52 -1.82 -11.73
C ASN A 332 18.30 -2.85 -10.61
N TYR A 333 17.38 -3.81 -10.86
CA TYR A 333 16.99 -4.89 -9.95
C TYR A 333 17.35 -6.29 -10.50
N THR A 334 18.13 -6.35 -11.61
CA THR A 334 18.58 -7.59 -12.26
C THR A 334 19.68 -8.31 -11.42
N GLU A 335 20.32 -7.54 -10.52
CA GLU A 335 21.41 -7.96 -9.62
C GLU A 335 20.90 -8.63 -8.33
N PHE A 336 19.77 -8.13 -7.74
CA PHE A 336 19.19 -8.67 -6.52
C PHE A 336 18.44 -9.98 -6.83
N LYS A 337 18.83 -11.07 -6.14
CA LYS A 337 18.31 -12.43 -6.31
C LYS A 337 16.95 -12.68 -5.62
N PHE A 338 16.06 -13.43 -6.31
CA PHE A 338 14.69 -13.73 -5.89
C PHE A 338 14.45 -15.21 -5.48
N PRO A 339 13.42 -15.50 -4.63
CA PRO A 339 13.15 -16.90 -4.23
C PRO A 339 12.64 -17.76 -5.40
N GLN A 340 13.45 -18.78 -5.77
CA GLN A 340 13.17 -19.71 -6.89
C GLN A 340 11.94 -20.59 -6.69
N ILE A 341 10.77 -20.03 -7.02
CA ILE A 341 9.45 -20.69 -6.94
C ILE A 341 9.03 -21.13 -8.35
N LYS A 342 8.52 -22.38 -8.48
CA LYS A 342 8.06 -22.95 -9.75
C LYS A 342 6.84 -22.22 -10.33
N ALA A 343 6.72 -22.23 -11.67
CA ALA A 343 5.61 -21.59 -12.39
C ALA A 343 4.31 -22.35 -12.16
N HIS A 344 3.52 -21.86 -11.19
CA HIS A 344 2.23 -22.41 -10.75
C HIS A 344 1.18 -22.48 -11.91
N PRO A 345 0.42 -23.61 -12.02
CA PRO A 345 -0.59 -23.67 -13.09
C PRO A 345 -1.79 -22.80 -12.74
N TRP A 346 -2.07 -21.80 -13.60
CA TRP A 346 -3.17 -20.84 -13.48
C TRP A 346 -4.56 -21.47 -13.19
N THR A 347 -4.75 -22.76 -13.59
CA THR A 347 -5.98 -23.54 -13.36
C THR A 347 -6.26 -23.81 -11.88
N LYS A 348 -5.18 -24.00 -11.07
CA LYS A 348 -5.25 -24.23 -9.62
C LYS A 348 -5.51 -22.94 -8.80
N VAL A 349 -5.26 -21.75 -9.42
CA VAL A 349 -5.49 -20.42 -8.82
C VAL A 349 -6.98 -20.19 -8.55
N PHE A 350 -7.83 -20.48 -9.55
CA PHE A 350 -9.26 -20.24 -9.48
C PHE A 350 -10.08 -21.49 -9.12
N ARG A 351 -11.35 -21.27 -8.69
CA ARG A 351 -12.31 -22.33 -8.34
C ARG A 351 -12.54 -23.30 -9.57
N PRO A 352 -12.95 -24.58 -9.36
CA PRO A 352 -13.11 -25.50 -10.50
C PRO A 352 -14.11 -25.08 -11.59
N ARG A 353 -15.18 -24.39 -11.19
CA ARG A 353 -16.24 -23.90 -12.09
C ARG A 353 -15.80 -22.82 -13.07
N THR A 354 -14.74 -22.05 -12.73
CA THR A 354 -14.17 -20.94 -13.51
C THR A 354 -13.96 -21.30 -14.98
N PRO A 355 -14.57 -20.51 -15.90
CA PRO A 355 -14.40 -20.78 -17.34
C PRO A 355 -12.93 -20.72 -17.78
N PRO A 356 -12.50 -21.68 -18.61
CA PRO A 356 -11.09 -21.68 -19.08
C PRO A 356 -10.63 -20.43 -19.83
N GLU A 357 -11.55 -19.76 -20.58
CA GLU A 357 -11.25 -18.54 -21.34
C GLU A 357 -10.98 -17.37 -20.39
N ALA A 358 -11.67 -17.34 -19.21
CA ALA A 358 -11.44 -16.34 -18.16
C ALA A 358 -9.99 -16.50 -17.62
N ILE A 359 -9.56 -17.76 -17.33
CA ILE A 359 -8.21 -18.11 -16.86
C ILE A 359 -7.14 -17.74 -17.90
N ALA A 360 -7.41 -18.05 -19.17
CA ALA A 360 -6.54 -17.77 -20.31
C ALA A 360 -6.37 -16.26 -20.47
N LEU A 361 -7.46 -15.47 -20.29
CA LEU A 361 -7.45 -14.00 -20.33
C LEU A 361 -6.51 -13.48 -19.21
N CYS A 362 -6.69 -13.90 -17.92
CA CYS A 362 -5.81 -13.45 -16.80
C CYS A 362 -4.35 -13.68 -17.13
N SER A 363 -4.04 -14.91 -17.62
CA SER A 363 -2.72 -15.41 -18.03
C SER A 363 -2.02 -14.45 -18.97
N ARG A 364 -2.78 -13.93 -19.94
CA ARG A 364 -2.35 -13.03 -21.01
C ARG A 364 -2.30 -11.54 -20.63
N LEU A 365 -3.02 -11.15 -19.57
CA LEU A 365 -3.00 -9.77 -19.05
C LEU A 365 -1.94 -9.65 -17.95
N LEU A 366 -1.87 -10.64 -17.04
CA LEU A 366 -0.92 -10.66 -15.93
C LEU A 366 0.40 -11.36 -16.32
N GLU A 367 1.21 -10.62 -17.13
CA GLU A 367 2.50 -11.03 -17.70
C GLU A 367 3.60 -10.14 -17.17
N TYR A 368 4.77 -10.70 -16.81
CA TYR A 368 5.91 -9.90 -16.32
C TYR A 368 6.35 -8.86 -17.36
N THR A 369 6.61 -9.31 -18.59
CA THR A 369 7.06 -8.48 -19.72
C THR A 369 5.92 -7.57 -20.16
N PRO A 370 6.04 -6.24 -19.91
CA PRO A 370 4.97 -5.31 -20.29
C PRO A 370 4.47 -5.44 -21.73
N THR A 371 5.38 -5.69 -22.69
CA THR A 371 5.02 -5.87 -24.12
C THR A 371 4.30 -7.19 -24.41
N ALA A 372 4.45 -8.22 -23.54
CA ALA A 372 3.79 -9.51 -23.70
C ALA A 372 2.29 -9.49 -23.33
N ARG A 373 1.84 -8.41 -22.65
CA ARG A 373 0.45 -8.25 -22.24
C ARG A 373 -0.43 -7.90 -23.43
N LEU A 374 -1.68 -8.40 -23.42
CA LEU A 374 -2.64 -8.04 -24.46
C LEU A 374 -2.88 -6.56 -24.41
N THR A 375 -3.32 -5.97 -25.51
CA THR A 375 -3.67 -4.55 -25.51
C THR A 375 -5.15 -4.50 -25.13
N PRO A 376 -5.73 -3.34 -24.71
CA PRO A 376 -7.16 -3.31 -24.41
C PRO A 376 -8.04 -3.79 -25.57
N LEU A 377 -7.71 -3.36 -26.82
CA LEU A 377 -8.47 -3.76 -28.01
C LEU A 377 -8.39 -5.26 -28.31
N GLU A 378 -7.21 -5.86 -28.09
CA GLU A 378 -6.99 -7.30 -28.25
C GLU A 378 -7.79 -8.06 -27.18
N ALA A 379 -7.85 -7.49 -25.96
CA ALA A 379 -8.56 -8.06 -24.81
C ALA A 379 -10.06 -8.10 -25.12
N CYS A 380 -10.61 -7.01 -25.66
CA CYS A 380 -12.00 -6.89 -26.09
C CYS A 380 -12.38 -8.04 -27.05
N ALA A 381 -11.44 -8.43 -27.94
CA ALA A 381 -11.57 -9.47 -28.99
C ALA A 381 -11.29 -10.92 -28.49
N HIS A 382 -10.96 -11.09 -27.20
CA HIS A 382 -10.63 -12.38 -26.59
C HIS A 382 -11.87 -13.27 -26.51
N SER A 383 -11.64 -14.61 -26.59
CA SER A 383 -12.68 -15.66 -26.52
C SER A 383 -13.65 -15.50 -25.32
N PHE A 384 -13.15 -15.02 -24.19
CA PHE A 384 -13.94 -14.80 -22.98
C PHE A 384 -15.16 -13.95 -23.25
N PHE A 385 -15.03 -12.94 -24.11
CA PHE A 385 -16.12 -12.03 -24.42
C PHE A 385 -17.07 -12.46 -25.55
N ASP A 386 -16.90 -13.68 -26.08
CA ASP A 386 -17.72 -14.20 -27.19
C ASP A 386 -19.21 -14.18 -26.93
N GLU A 387 -19.64 -14.51 -25.68
CA GLU A 387 -21.06 -14.49 -25.29
C GLU A 387 -21.69 -13.12 -25.51
N LEU A 388 -20.87 -12.06 -25.38
CA LEU A 388 -21.35 -10.68 -25.58
C LEU A 388 -21.65 -10.41 -27.04
N ARG A 389 -20.93 -11.11 -27.94
CA ARG A 389 -21.09 -11.02 -29.39
C ARG A 389 -22.21 -11.94 -29.93
N ASP A 390 -22.83 -12.77 -29.05
CA ASP A 390 -23.95 -13.64 -29.40
C ASP A 390 -25.19 -12.74 -29.62
N PRO A 391 -25.95 -12.94 -30.71
CA PRO A 391 -27.10 -12.06 -30.98
C PRO A 391 -28.25 -12.22 -30.00
N ASN A 392 -28.32 -13.38 -29.31
CA ASN A 392 -29.36 -13.73 -28.33
C ASN A 392 -29.06 -13.31 -26.88
N VAL A 393 -27.84 -12.79 -26.59
CA VAL A 393 -27.43 -12.37 -25.25
C VAL A 393 -28.40 -11.32 -24.68
N LYS A 394 -28.79 -11.51 -23.41
CA LYS A 394 -29.68 -10.60 -22.67
C LYS A 394 -29.21 -10.47 -21.22
N LEU A 395 -29.74 -9.48 -20.50
CA LEU A 395 -29.44 -9.26 -19.10
C LEU A 395 -30.30 -10.17 -18.26
N PRO A 396 -29.86 -10.48 -17.02
CA PRO A 396 -30.71 -11.29 -16.12
C PRO A 396 -32.07 -10.64 -15.86
N ASN A 397 -32.15 -9.29 -15.93
CA ASN A 397 -33.38 -8.51 -15.74
C ASN A 397 -34.26 -8.44 -17.00
N GLY A 398 -33.83 -9.14 -18.05
CA GLY A 398 -34.55 -9.21 -19.31
C GLY A 398 -34.13 -8.20 -20.35
N ARG A 399 -33.64 -7.01 -19.91
CA ARG A 399 -33.22 -5.93 -20.83
C ARG A 399 -32.11 -6.34 -21.81
N ASP A 400 -31.91 -5.50 -22.85
CA ASP A 400 -30.87 -5.71 -23.84
C ASP A 400 -29.55 -5.25 -23.26
N THR A 401 -28.43 -5.82 -23.77
CA THR A 401 -27.09 -5.43 -23.33
C THR A 401 -26.86 -3.97 -23.73
N PRO A 402 -26.07 -3.18 -22.97
CA PRO A 402 -25.82 -1.79 -23.41
C PRO A 402 -25.01 -1.77 -24.73
N ALA A 403 -24.69 -0.56 -25.24
CA ALA A 403 -23.86 -0.40 -26.45
C ALA A 403 -22.52 -1.15 -26.24
N LEU A 404 -22.13 -1.98 -27.22
CA LEU A 404 -20.90 -2.77 -27.10
C LEU A 404 -20.10 -2.78 -28.37
N PHE A 405 -20.74 -2.45 -29.51
CA PHE A 405 -20.13 -2.57 -30.82
C PHE A 405 -19.96 -1.29 -31.65
N ASN A 406 -20.43 -0.15 -31.10
CA ASN A 406 -20.33 1.16 -31.74
C ASN A 406 -18.88 1.72 -31.70
N PHE A 407 -17.91 0.95 -32.22
CA PHE A 407 -16.51 1.37 -32.25
C PHE A 407 -16.28 2.51 -33.22
N THR A 408 -15.41 3.47 -32.88
CA THR A 408 -15.02 4.58 -33.77
C THR A 408 -13.67 4.26 -34.43
N THR A 409 -13.27 5.08 -35.43
CA THR A 409 -11.99 4.93 -36.12
C THR A 409 -10.85 5.11 -35.11
N GLN A 410 -11.02 6.12 -34.22
CA GLN A 410 -10.11 6.46 -33.13
C GLN A 410 -9.92 5.24 -32.24
N GLU A 411 -11.04 4.67 -31.75
CA GLU A 411 -11.09 3.52 -30.86
C GLU A 411 -10.41 2.27 -31.45
N LEU A 412 -10.52 2.08 -32.77
CA LEU A 412 -9.94 0.94 -33.48
C LEU A 412 -8.55 1.20 -34.05
N SER A 413 -8.08 2.47 -34.00
CA SER A 413 -6.80 2.95 -34.56
C SER A 413 -5.57 2.11 -34.29
N SER A 414 -5.47 1.46 -33.11
CA SER A 414 -4.31 0.62 -32.76
C SER A 414 -4.20 -0.62 -33.65
N ASN A 415 -5.34 -1.17 -34.07
CA ASN A 415 -5.39 -2.38 -34.89
C ASN A 415 -6.75 -2.45 -35.62
N PRO A 416 -6.95 -1.65 -36.71
CA PRO A 416 -8.23 -1.70 -37.46
C PRO A 416 -8.74 -3.09 -37.89
N PRO A 417 -7.88 -4.07 -38.31
CA PRO A 417 -8.41 -5.41 -38.63
C PRO A 417 -9.19 -6.14 -37.53
N LEU A 418 -8.99 -5.75 -36.26
CA LEU A 418 -9.68 -6.36 -35.13
C LEU A 418 -11.19 -6.20 -35.18
N ALA A 419 -11.68 -5.17 -35.92
CA ALA A 419 -13.09 -4.89 -36.13
C ALA A 419 -13.85 -6.08 -36.77
N THR A 420 -13.11 -7.02 -37.41
CA THR A 420 -13.68 -8.24 -38.00
C THR A 420 -14.19 -9.18 -36.91
N ILE A 421 -13.52 -9.18 -35.74
CA ILE A 421 -13.91 -9.95 -34.56
C ILE A 421 -14.87 -9.11 -33.70
N LEU A 422 -14.49 -7.85 -33.43
CA LEU A 422 -15.21 -6.91 -32.57
C LEU A 422 -16.63 -6.53 -32.94
N ILE A 423 -16.88 -6.32 -34.24
CA ILE A 423 -18.21 -5.96 -34.73
C ILE A 423 -18.84 -7.25 -35.30
N PRO A 424 -19.77 -7.90 -34.56
CA PRO A 424 -20.31 -9.19 -35.04
C PRO A 424 -21.29 -9.00 -36.22
N PRO A 425 -21.61 -10.06 -37.02
CA PRO A 425 -22.49 -9.86 -38.19
C PRO A 425 -23.79 -9.14 -37.93
N HIS A 426 -24.51 -9.49 -36.84
CA HIS A 426 -25.77 -8.86 -36.48
C HIS A 426 -25.68 -7.35 -36.18
N ALA A 427 -24.47 -6.85 -35.87
CA ALA A 427 -24.28 -5.43 -35.65
C ALA A 427 -23.96 -4.90 -37.03
N ARG A 428 -24.47 -3.71 -37.37
CA ARG A 428 -24.27 -3.12 -38.70
C ARG A 428 -25.02 -3.83 -39.87
N ILE A 429 -26.25 -4.35 -39.58
CA ILE A 429 -27.16 -4.91 -40.59
C ILE A 429 -27.96 -3.72 -41.19
N GLN A 430 -28.37 -2.82 -40.43
N SER B 80 -1.12 -35.04 25.03
CA SER B 80 -1.03 -34.40 23.71
C SER B 80 0.19 -34.87 22.89
N LYS B 81 0.26 -34.45 21.60
CA LYS B 81 1.34 -34.77 20.66
C LYS B 81 2.61 -34.03 21.07
N VAL B 82 3.71 -34.80 21.32
CA VAL B 82 5.01 -34.25 21.72
C VAL B 82 5.99 -34.35 20.55
N THR B 83 6.58 -33.22 20.16
CA THR B 83 7.56 -33.14 19.08
C THR B 83 8.95 -32.94 19.67
N THR B 84 9.89 -33.83 19.32
CA THR B 84 11.29 -33.76 19.76
C THR B 84 12.17 -33.48 18.56
N VAL B 85 13.04 -32.49 18.70
CA VAL B 85 13.94 -32.04 17.63
C VAL B 85 15.35 -31.88 18.16
N VAL B 86 16.33 -31.90 17.25
CA VAL B 86 17.69 -31.64 17.61
C VAL B 86 17.99 -30.22 17.09
N ALA B 87 17.80 -29.26 17.98
CA ALA B 87 17.92 -27.83 17.70
C ALA B 87 19.21 -27.24 18.19
N THR B 88 19.78 -26.35 17.38
CA THR B 88 21.01 -25.61 17.67
C THR B 88 20.60 -24.37 18.47
N PRO B 89 21.29 -24.03 19.58
CA PRO B 89 20.94 -22.77 20.30
C PRO B 89 21.26 -21.54 19.44
N GLY B 90 20.44 -20.49 19.57
CA GLY B 90 20.54 -19.26 18.80
C GLY B 90 21.84 -18.50 18.96
N GLN B 91 22.32 -18.43 20.20
CA GLN B 91 23.57 -17.76 20.56
C GLN B 91 24.52 -18.78 21.20
N GLY B 92 25.80 -18.46 21.23
CA GLY B 92 26.80 -19.34 21.83
C GLY B 92 27.34 -20.40 20.89
N PRO B 93 28.02 -21.44 21.45
CA PRO B 93 28.62 -22.47 20.57
C PRO B 93 27.59 -23.32 19.85
N ASP B 94 27.91 -23.76 18.62
CA ASP B 94 27.05 -24.62 17.79
C ASP B 94 27.01 -26.04 18.39
N ARG B 95 26.24 -26.19 19.46
CA ARG B 95 26.10 -27.44 20.19
C ARG B 95 24.64 -27.87 20.29
N PRO B 96 24.14 -28.57 19.25
CA PRO B 96 22.73 -28.99 19.25
C PRO B 96 22.26 -29.75 20.48
N GLN B 97 20.98 -29.59 20.80
CA GLN B 97 20.31 -30.19 21.96
C GLN B 97 18.98 -30.76 21.56
N GLU B 98 18.52 -31.78 22.31
CA GLU B 98 17.19 -32.37 22.12
C GLU B 98 16.20 -31.42 22.79
N VAL B 99 15.33 -30.79 21.99
CA VAL B 99 14.33 -29.84 22.44
C VAL B 99 12.96 -30.47 22.18
N SER B 100 12.17 -30.63 23.26
CA SER B 100 10.83 -31.23 23.15
C SER B 100 9.76 -30.17 23.40
N TYR B 101 8.73 -30.14 22.54
CA TYR B 101 7.63 -29.18 22.65
C TYR B 101 6.27 -29.80 22.33
N THR B 102 5.21 -29.23 22.93
CA THR B 102 3.83 -29.68 22.73
C THR B 102 2.87 -28.48 22.54
N ASP B 103 1.54 -28.78 22.43
CA ASP B 103 0.43 -27.83 22.28
C ASP B 103 0.66 -26.85 21.11
N THR B 104 1.03 -27.39 19.96
CA THR B 104 1.33 -26.62 18.76
C THR B 104 0.07 -26.12 18.04
N LYS B 105 -0.09 -24.79 18.03
CA LYS B 105 -1.21 -24.08 17.38
C LYS B 105 -0.63 -23.00 16.45
N VAL B 106 -1.27 -22.77 15.29
CA VAL B 106 -0.86 -21.71 14.35
C VAL B 106 -1.32 -20.36 14.93
N ILE B 107 -0.44 -19.34 14.96
CA ILE B 107 -0.77 -18.00 15.47
C ILE B 107 -0.58 -16.89 14.41
N GLY B 108 -0.13 -17.30 13.24
CA GLY B 108 0.16 -16.41 12.12
C GLY B 108 0.48 -17.13 10.83
N ASN B 109 0.06 -16.54 9.71
CA ASN B 109 0.25 -17.01 8.35
C ASN B 109 0.42 -15.77 7.49
N GLY B 110 1.59 -15.62 6.88
CA GLY B 110 1.89 -14.48 6.03
C GLY B 110 2.84 -14.78 4.90
N SER B 111 3.35 -13.71 4.24
CA SER B 111 4.34 -13.78 3.14
C SER B 111 5.59 -14.57 3.59
N PHE B 112 5.97 -14.41 4.88
CA PHE B 112 7.06 -15.09 5.57
C PHE B 112 6.88 -16.62 5.49
N GLY B 113 5.83 -17.10 6.16
CA GLY B 113 5.43 -18.49 6.26
C GLY B 113 4.43 -18.66 7.37
N VAL B 114 4.65 -19.64 8.26
CA VAL B 114 3.75 -19.90 9.38
C VAL B 114 4.45 -19.64 10.70
N VAL B 115 3.72 -19.02 11.64
CA VAL B 115 4.18 -18.77 13.01
C VAL B 115 3.28 -19.63 13.88
N TYR B 116 3.90 -20.45 14.74
CA TYR B 116 3.20 -21.34 15.66
C TYR B 116 3.50 -20.91 17.07
N GLN B 117 2.63 -21.29 17.98
CA GLN B 117 2.83 -21.15 19.41
C GLN B 117 3.01 -22.61 19.86
N ALA B 118 3.89 -22.85 20.85
CA ALA B 118 4.15 -24.18 21.39
C ALA B 118 4.64 -24.05 22.81
N LYS B 119 4.47 -25.12 23.60
CA LYS B 119 4.92 -25.17 24.99
C LYS B 119 6.11 -26.12 25.10
N LEU B 120 7.19 -25.64 25.71
CA LEU B 120 8.39 -26.46 25.94
C LEU B 120 8.07 -27.43 27.07
N CYS B 121 8.25 -28.74 26.84
CA CYS B 121 7.96 -29.80 27.81
C CYS B 121 8.78 -29.68 29.10
N ASP B 122 10.04 -29.21 29.00
CA ASP B 122 10.93 -29.08 30.15
C ASP B 122 10.52 -27.99 31.13
N SER B 123 10.48 -26.74 30.66
CA SER B 123 10.16 -25.55 31.43
C SER B 123 8.67 -25.19 31.52
N GLY B 124 7.90 -25.54 30.50
CA GLY B 124 6.49 -25.18 30.42
C GLY B 124 6.33 -23.83 29.75
N GLU B 125 7.47 -23.15 29.55
CA GLU B 125 7.66 -21.85 28.92
C GLU B 125 7.07 -21.83 27.51
N LEU B 126 6.39 -20.73 27.15
CA LEU B 126 5.77 -20.57 25.82
C LEU B 126 6.76 -19.98 24.84
N VAL B 127 6.72 -20.50 23.60
CA VAL B 127 7.61 -20.06 22.53
C VAL B 127 6.80 -19.88 21.26
N ALA B 128 7.40 -19.18 20.30
CA ALA B 128 6.83 -19.02 18.95
C ALA B 128 7.84 -19.72 18.03
N ILE B 129 7.35 -20.42 17.00
CA ILE B 129 8.21 -21.10 16.04
C ILE B 129 7.88 -20.55 14.65
N LYS B 130 8.83 -19.87 14.01
CA LYS B 130 8.58 -19.34 12.67
C LYS B 130 9.14 -20.35 11.66
N LYS B 131 8.28 -20.93 10.81
CA LYS B 131 8.64 -21.93 9.81
C LYS B 131 8.66 -21.31 8.43
N VAL B 132 9.84 -21.32 7.81
CA VAL B 132 10.08 -20.80 6.47
C VAL B 132 10.78 -21.85 5.62
N LEU B 133 10.42 -21.92 4.34
CA LEU B 133 11.06 -22.82 3.40
C LEU B 133 12.48 -22.28 3.11
N GLN B 134 13.51 -23.14 3.27
CA GLN B 134 14.88 -22.76 3.02
C GLN B 134 15.35 -23.31 1.67
N ASP B 135 15.94 -22.43 0.84
CA ASP B 135 16.53 -22.79 -0.44
C ASP B 135 17.84 -23.50 -0.09
N LYS B 136 18.42 -24.27 -0.96
CA LYS B 136 19.71 -24.84 -0.53
C LYS B 136 20.82 -23.82 -0.93
N ARG B 137 20.41 -22.93 -1.88
CA ARG B 137 21.10 -21.90 -2.63
C ARG B 137 22.00 -21.05 -1.80
N PHE B 138 21.50 -20.57 -0.67
CA PHE B 138 22.29 -19.76 0.27
C PHE B 138 21.80 -19.91 1.69
N LYS B 139 22.53 -19.30 2.63
CA LYS B 139 22.13 -19.27 4.03
C LYS B 139 21.01 -18.24 4.18
N ASN B 140 20.15 -18.44 5.19
CA ASN B 140 19.02 -17.57 5.48
C ASN B 140 19.52 -16.27 6.13
N ARG B 141 19.18 -15.12 5.53
CA ARG B 141 19.57 -13.80 6.02
C ARG B 141 18.99 -13.48 7.39
N GLU B 142 17.68 -13.79 7.60
CA GLU B 142 17.01 -13.56 8.89
C GLU B 142 17.72 -14.30 10.03
N LEU B 143 18.06 -15.59 9.84
CA LEU B 143 18.77 -16.39 10.83
C LEU B 143 20.12 -15.79 11.14
N GLN B 144 20.90 -15.44 10.10
CA GLN B 144 22.21 -14.80 10.27
C GLN B 144 22.09 -13.52 11.11
N ILE B 145 21.06 -12.70 10.87
CA ILE B 145 20.80 -11.50 11.66
C ILE B 145 20.40 -11.88 13.09
N MET B 146 19.37 -12.74 13.25
CA MET B 146 18.86 -13.21 14.56
C MET B 146 19.95 -13.73 15.50
N ARG B 147 20.86 -14.57 14.97
CA ARG B 147 21.99 -15.20 15.68
C ARG B 147 22.94 -14.18 16.38
N LYS B 148 23.14 -12.99 15.75
CA LYS B 148 23.97 -11.87 16.24
C LYS B 148 23.33 -11.00 17.31
N LEU B 149 22.01 -11.11 17.55
CA LEU B 149 21.28 -10.20 18.45
C LEU B 149 20.96 -10.72 19.82
N ASP B 150 21.09 -9.80 20.81
CA ASP B 150 20.75 -10.05 22.20
C ASP B 150 20.40 -8.73 22.86
N HIS B 151 19.07 -8.43 22.91
CA HIS B 151 18.54 -7.21 23.49
C HIS B 151 17.20 -7.49 24.14
N CYS B 152 16.92 -6.83 25.28
CA CYS B 152 15.69 -7.00 26.06
C CYS B 152 14.41 -6.54 25.31
N ASN B 153 14.59 -5.68 24.29
CA ASN B 153 13.54 -5.12 23.46
C ASN B 153 13.47 -5.73 22.05
N ILE B 154 14.05 -6.94 21.89
CA ILE B 154 14.06 -7.73 20.65
C ILE B 154 13.77 -9.18 21.01
N VAL B 155 12.90 -9.79 20.23
CA VAL B 155 12.48 -11.17 20.39
C VAL B 155 13.70 -12.09 20.22
N ARG B 156 14.02 -12.87 21.24
CA ARG B 156 15.23 -13.69 21.22
C ARG B 156 15.10 -14.97 20.42
N LEU B 157 16.13 -15.27 19.58
CA LEU B 157 16.21 -16.53 18.85
C LEU B 157 16.76 -17.53 19.87
N ARG B 158 15.89 -18.40 20.37
CA ARG B 158 16.26 -19.41 21.37
C ARG B 158 17.01 -20.59 20.74
N TYR B 159 16.43 -21.15 19.68
CA TYR B 159 16.95 -22.27 18.91
C TYR B 159 16.53 -22.11 17.47
N PHE B 160 17.09 -22.97 16.62
CA PHE B 160 16.72 -23.11 15.22
C PHE B 160 17.02 -24.55 14.82
N PHE B 161 16.21 -25.10 13.93
CA PHE B 161 16.33 -26.47 13.43
C PHE B 161 15.76 -26.57 12.05
N TYR B 162 16.10 -27.67 11.34
CA TYR B 162 15.60 -27.91 9.99
C TYR B 162 14.59 -29.04 9.96
N SER B 163 13.62 -28.97 9.04
CA SER B 163 12.56 -29.99 8.92
C SER B 163 12.02 -30.08 7.49
N SER B 164 10.94 -30.86 7.28
CA SER B 164 10.36 -31.05 5.96
C SER B 164 8.84 -30.76 5.79
N GLY B 165 8.20 -30.28 6.86
CA GLY B 165 6.80 -29.89 7.00
C GLY B 165 5.67 -30.25 6.06
N GLU B 166 5.46 -29.40 5.05
CA GLU B 166 4.37 -29.50 4.09
C GLU B 166 4.80 -30.16 2.77
N LYS B 167 5.97 -29.74 2.22
CA LYS B 167 6.45 -30.36 0.98
C LYS B 167 7.62 -31.28 1.12
N LYS B 168 7.53 -32.46 0.45
CA LYS B 168 8.54 -33.52 0.46
C LYS B 168 9.69 -33.16 -0.49
N ASP B 169 10.94 -33.49 -0.10
CA ASP B 169 12.18 -33.16 -0.81
C ASP B 169 12.60 -31.69 -0.66
N GLU B 170 11.85 -30.92 0.17
CA GLU B 170 12.20 -29.53 0.49
C GLU B 170 12.42 -29.28 1.99
N VAL B 171 13.37 -28.38 2.31
CA VAL B 171 13.78 -28.04 3.67
C VAL B 171 13.07 -26.83 4.25
N TYR B 172 12.76 -26.89 5.53
CA TYR B 172 12.18 -25.78 6.25
C TYR B 172 13.10 -25.41 7.38
N LEU B 173 13.36 -24.12 7.50
CA LEU B 173 14.11 -23.57 8.61
C LEU B 173 13.03 -23.17 9.64
N ASN B 174 13.22 -23.55 10.91
CA ASN B 174 12.31 -23.24 12.02
C ASN B 174 13.00 -22.39 13.06
N LEU B 175 12.55 -21.15 13.28
CA LEU B 175 13.13 -20.27 14.28
C LEU B 175 12.30 -20.33 15.54
N VAL B 176 12.87 -20.87 16.65
CA VAL B 176 12.22 -20.96 17.97
C VAL B 176 12.53 -19.65 18.67
N LEU B 177 11.50 -18.83 18.86
CA LEU B 177 11.61 -17.48 19.42
C LEU B 177 10.85 -17.33 20.71
N ASP B 178 11.16 -16.25 21.44
CA ASP B 178 10.44 -15.82 22.64
C ASP B 178 8.99 -15.60 22.20
N TYR B 179 8.03 -15.95 23.06
CA TYR B 179 6.62 -15.69 22.79
C TYR B 179 6.19 -14.43 23.59
N VAL B 180 5.69 -13.39 22.89
CA VAL B 180 5.19 -12.14 23.48
C VAL B 180 3.68 -12.10 23.16
N PRO B 181 2.81 -12.05 24.20
CA PRO B 181 1.37 -12.24 23.97
C PRO B 181 0.55 -11.29 23.10
N GLU B 182 0.85 -9.98 23.13
CA GLU B 182 0.07 -9.00 22.39
C GLU B 182 0.89 -8.20 21.38
N THR B 183 0.21 -7.39 20.55
CA THR B 183 0.83 -6.50 19.57
C THR B 183 0.36 -5.08 19.81
N VAL B 184 1.18 -4.08 19.42
CA VAL B 184 0.83 -2.64 19.55
C VAL B 184 -0.40 -2.37 18.70
N TYR B 185 -0.50 -3.04 17.55
CA TYR B 185 -1.59 -2.96 16.58
C TYR B 185 -2.96 -3.28 17.22
N ARG B 186 -3.08 -4.46 17.87
CA ARG B 186 -4.28 -4.92 18.54
C ARG B 186 -4.69 -4.02 19.70
N VAL B 187 -3.72 -3.62 20.53
CA VAL B 187 -3.93 -2.72 21.66
C VAL B 187 -4.39 -1.32 21.18
N ALA B 188 -3.68 -0.71 20.21
CA ALA B 188 -4.08 0.58 19.64
C ALA B 188 -5.54 0.49 19.10
N ARG B 189 -5.90 -0.67 18.49
CA ARG B 189 -7.22 -0.98 17.93
C ARG B 189 -8.30 -1.01 19.02
N HIS B 190 -8.01 -1.58 20.21
CA HIS B 190 -8.95 -1.65 21.34
C HIS B 190 -9.38 -0.24 21.75
N TYR B 191 -8.40 0.64 21.96
CA TYR B 191 -8.61 2.01 22.35
C TYR B 191 -9.36 2.78 21.29
N SER B 192 -8.98 2.60 20.02
CA SER B 192 -9.65 3.24 18.87
C SER B 192 -11.15 2.89 18.83
N ARG B 193 -11.47 1.58 18.99
CA ARG B 193 -12.84 1.04 19.02
C ARG B 193 -13.65 1.60 20.18
N ALA B 194 -13.01 1.78 21.35
CA ALA B 194 -13.66 2.33 22.54
C ALA B 194 -13.66 3.87 22.55
N LYS B 195 -13.28 4.50 21.41
CA LYS B 195 -13.19 5.95 21.20
C LYS B 195 -12.28 6.66 22.24
N GLN B 196 -11.31 5.88 22.79
CA GLN B 196 -10.31 6.29 23.79
C GLN B 196 -8.92 6.30 23.14
N THR B 197 -7.93 6.87 23.84
CA THR B 197 -6.54 6.87 23.39
C THR B 197 -5.72 6.15 24.42
N LEU B 198 -4.66 5.48 23.98
CA LEU B 198 -3.75 4.76 24.86
C LEU B 198 -3.12 5.80 25.79
N PRO B 199 -3.23 5.60 27.15
CA PRO B 199 -2.60 6.53 28.09
C PRO B 199 -1.15 6.87 27.73
N VAL B 200 -0.79 8.16 27.86
CA VAL B 200 0.54 8.70 27.55
C VAL B 200 1.70 7.93 28.20
N ILE B 201 1.50 7.35 29.41
CA ILE B 201 2.55 6.54 30.07
C ILE B 201 2.96 5.34 29.20
N TYR B 202 1.99 4.68 28.55
CA TYR B 202 2.22 3.58 27.66
C TYR B 202 2.85 4.04 26.36
N VAL B 203 2.50 5.25 25.88
CA VAL B 203 3.09 5.82 24.66
C VAL B 203 4.58 6.03 24.87
N LYS B 204 4.99 6.53 26.08
CA LYS B 204 6.39 6.73 26.49
C LYS B 204 7.08 5.41 26.67
N LEU B 205 6.49 4.46 27.41
CA LEU B 205 7.08 3.12 27.64
C LEU B 205 7.35 2.36 26.36
N TYR B 206 6.34 2.27 25.47
CA TYR B 206 6.42 1.53 24.23
C TYR B 206 7.35 2.19 23.23
N MET B 207 7.24 3.53 23.04
CA MET B 207 8.12 4.25 22.12
C MET B 207 9.58 4.27 22.52
N TYR B 208 9.88 4.47 23.83
CA TYR B 208 11.25 4.45 24.35
C TYR B 208 11.90 3.09 24.05
N GLN B 209 11.19 2.00 24.42
CA GLN B 209 11.66 0.64 24.22
C GLN B 209 11.91 0.32 22.73
N LEU B 210 11.10 0.90 21.83
CA LEU B 210 11.27 0.73 20.38
C LEU B 210 12.59 1.43 19.96
N PHE B 211 12.82 2.66 20.44
CA PHE B 211 14.03 3.38 20.13
C PHE B 211 15.27 2.68 20.67
N ARG B 212 15.17 2.02 21.85
CA ARG B 212 16.29 1.24 22.41
C ARG B 212 16.64 0.07 21.48
N SER B 213 15.62 -0.67 21.02
CA SER B 213 15.82 -1.78 20.08
C SER B 213 16.45 -1.29 18.76
N LEU B 214 16.00 -0.09 18.28
CA LEU B 214 16.52 0.53 17.07
C LEU B 214 17.97 0.96 17.21
N ALA B 215 18.34 1.62 18.35
CA ALA B 215 19.73 2.02 18.70
C ALA B 215 20.67 0.80 18.62
N TYR B 216 20.20 -0.33 19.18
CA TYR B 216 20.90 -1.61 19.19
C TYR B 216 21.15 -2.15 17.79
N ILE B 217 20.09 -2.47 16.99
CA ILE B 217 20.28 -3.01 15.64
C ILE B 217 21.07 -2.09 14.72
N HIS B 218 20.79 -0.77 14.80
CA HIS B 218 21.48 0.25 14.00
C HIS B 218 22.98 0.32 14.28
N SER B 219 23.41 0.03 15.56
CA SER B 219 24.81 0.00 15.99
C SER B 219 25.64 -1.08 15.25
N PHE B 220 24.95 -2.10 14.67
CA PHE B 220 25.58 -3.14 13.87
C PHE B 220 25.40 -2.86 12.37
N GLY B 221 24.81 -1.73 12.03
CA GLY B 221 24.53 -1.36 10.66
C GLY B 221 23.27 -1.99 10.09
N ILE B 222 22.50 -2.72 10.93
CA ILE B 222 21.27 -3.41 10.57
C ILE B 222 20.04 -2.49 10.65
N CYS B 223 19.28 -2.46 9.53
CA CYS B 223 18.02 -1.73 9.36
C CYS B 223 16.86 -2.72 9.34
N HIS B 224 15.85 -2.51 10.20
CA HIS B 224 14.68 -3.38 10.26
C HIS B 224 13.90 -3.39 8.92
N ARG B 225 13.63 -2.18 8.37
CA ARG B 225 12.94 -1.95 7.06
C ARG B 225 11.42 -2.26 7.04
N ASP B 226 10.83 -2.70 8.17
CA ASP B 226 9.39 -2.96 8.26
C ASP B 226 8.80 -2.61 9.64
N ILE B 227 9.15 -1.40 10.14
CA ILE B 227 8.63 -0.90 11.42
C ILE B 227 7.18 -0.49 11.25
N LYS B 228 6.30 -1.11 12.05
CA LYS B 228 4.86 -0.90 12.02
C LYS B 228 4.26 -1.52 13.27
N PRO B 229 3.07 -1.05 13.73
CA PRO B 229 2.45 -1.62 14.95
C PRO B 229 2.32 -3.15 15.04
N GLN B 230 2.11 -3.84 13.92
CA GLN B 230 1.99 -5.30 13.92
C GLN B 230 3.29 -6.03 14.30
N ASN B 231 4.45 -5.34 14.17
CA ASN B 231 5.77 -5.90 14.42
C ASN B 231 6.35 -5.53 15.76
N LEU B 232 5.53 -4.87 16.59
CA LEU B 232 5.85 -4.43 17.95
C LEU B 232 4.99 -5.22 18.93
N LEU B 233 5.61 -6.22 19.56
CA LEU B 233 4.98 -7.14 20.52
C LEU B 233 5.03 -6.59 21.96
N LEU B 234 3.99 -6.90 22.78
CA LEU B 234 3.89 -6.40 24.16
C LEU B 234 3.47 -7.46 25.13
N ASP B 235 3.99 -7.30 26.35
CA ASP B 235 3.57 -8.06 27.52
C ASP B 235 2.75 -7.04 28.31
N PRO B 236 1.40 -7.23 28.37
CA PRO B 236 0.54 -6.24 29.05
C PRO B 236 0.79 -6.08 30.55
N ASP B 237 1.22 -7.17 31.21
CA ASP B 237 1.49 -7.17 32.64
C ASP B 237 2.80 -6.48 33.00
N THR B 238 3.86 -6.73 32.21
CA THR B 238 5.19 -6.18 32.47
C THR B 238 5.50 -4.88 31.72
N ALA B 239 4.65 -4.48 30.75
CA ALA B 239 4.80 -3.26 29.91
C ALA B 239 6.07 -3.30 29.02
N VAL B 240 6.59 -4.53 28.82
CA VAL B 240 7.75 -4.83 27.99
C VAL B 240 7.31 -4.90 26.54
N LEU B 241 8.03 -4.17 25.69
CA LEU B 241 7.86 -4.19 24.25
C LEU B 241 9.06 -4.95 23.67
N LYS B 242 8.82 -5.77 22.67
CA LYS B 242 9.85 -6.52 21.95
C LYS B 242 9.62 -6.44 20.45
N LEU B 243 10.63 -5.98 19.71
CA LEU B 243 10.61 -5.89 18.26
C LEU B 243 10.69 -7.31 17.68
N CYS B 244 9.92 -7.54 16.61
CA CYS B 244 9.92 -8.82 15.91
C CYS B 244 9.92 -8.62 14.38
N ASP B 245 9.95 -9.75 13.65
CA ASP B 245 10.00 -9.86 12.20
C ASP B 245 11.29 -9.33 11.60
N PHE B 246 12.31 -10.23 11.44
CA PHE B 246 13.57 -9.83 10.86
C PHE B 246 13.71 -10.34 9.40
N GLY B 247 12.54 -10.54 8.77
CA GLY B 247 12.41 -10.98 7.38
C GLY B 247 12.87 -9.95 6.35
N SER B 248 12.65 -8.66 6.63
CA SER B 248 13.03 -7.53 5.75
C SER B 248 14.37 -6.91 6.17
N ALA B 249 14.88 -7.29 7.36
CA ALA B 249 16.11 -6.75 7.93
C ALA B 249 17.32 -6.96 7.04
N LYS B 250 18.16 -5.91 6.91
CA LYS B 250 19.38 -5.99 6.11
C LYS B 250 20.45 -5.05 6.65
N GLN B 251 21.72 -5.48 6.53
CA GLN B 251 22.85 -4.64 6.90
C GLN B 251 23.11 -3.69 5.75
N LEU B 252 22.82 -2.40 5.97
CA LEU B 252 22.99 -1.36 4.96
C LEU B 252 24.45 -0.89 4.89
N VAL B 253 25.09 -1.12 3.72
CA VAL B 253 26.47 -0.73 3.46
C VAL B 253 26.45 0.46 2.49
N ARG B 254 27.12 1.57 2.85
CA ARG B 254 27.21 2.80 2.03
C ARG B 254 27.78 2.47 0.64
N GLY B 255 27.13 3.02 -0.39
CA GLY B 255 27.50 2.79 -1.78
C GLY B 255 26.82 1.60 -2.42
N GLU B 256 26.37 0.61 -1.61
CA GLU B 256 25.65 -0.57 -2.10
C GLU B 256 24.15 -0.21 -2.29
N PRO B 257 23.50 -0.59 -3.42
CA PRO B 257 22.08 -0.27 -3.58
C PRO B 257 21.17 -1.28 -2.88
N ASN B 258 19.99 -0.82 -2.42
CA ASN B 258 19.01 -1.66 -1.72
C ASN B 258 17.64 -1.46 -2.34
N VAL B 259 16.78 -2.51 -2.30
CA VAL B 259 15.41 -2.45 -2.82
C VAL B 259 14.58 -1.34 -2.15
N SER B 260 13.85 -0.55 -2.94
CA SER B 260 13.01 0.52 -2.35
C SER B 260 11.61 0.02 -1.97
N TYR B 261 11.23 -1.18 -2.43
CA TYR B 261 9.89 -1.75 -2.19
C TYR B 261 9.67 -2.47 -0.85
N ILE B 262 10.50 -2.14 0.13
CA ILE B 262 10.35 -2.66 1.49
C ILE B 262 9.47 -1.66 2.22
N CYS B 263 8.94 -2.03 3.40
CA CYS B 263 8.14 -1.15 4.25
C CYS B 263 6.68 -1.08 3.86
N SER B 264 5.82 -1.13 4.87
CA SER B 264 4.39 -1.19 4.75
C SER B 264 3.70 0.17 4.65
N ARG B 265 2.62 0.23 3.83
CA ARG B 265 1.83 1.45 3.61
C ARG B 265 1.45 2.09 4.94
N TYR B 266 1.64 3.43 4.99
CA TYR B 266 1.44 4.36 6.11
C TYR B 266 2.76 4.67 6.83
N TYR B 267 3.70 3.69 6.86
CA TYR B 267 4.95 3.75 7.58
C TYR B 267 6.20 4.03 6.76
N ARG B 268 6.05 4.15 5.47
CA ARG B 268 7.14 4.36 4.52
C ARG B 268 7.60 5.82 4.48
N ALA B 269 8.92 5.98 4.59
CA ALA B 269 9.60 7.28 4.54
C ALA B 269 9.47 7.87 3.14
N PRO B 270 9.40 9.22 2.97
CA PRO B 270 9.28 9.78 1.61
C PRO B 270 10.34 9.33 0.57
N GLU B 271 11.61 9.08 0.99
CA GLU B 271 12.68 8.56 0.12
C GLU B 271 12.26 7.24 -0.48
N LEU B 272 11.56 6.38 0.30
CA LEU B 272 11.10 5.08 -0.18
C LEU B 272 9.97 5.25 -1.22
N ILE B 273 8.99 6.14 -0.91
CA ILE B 273 7.87 6.48 -1.81
C ILE B 273 8.46 6.96 -3.14
N PHE B 274 9.54 7.77 -3.09
CA PHE B 274 10.24 8.26 -4.28
C PHE B 274 11.16 7.23 -4.95
N GLY B 275 11.16 5.98 -4.47
CA GLY B 275 11.94 4.89 -5.05
C GLY B 275 13.44 4.92 -4.89
N ALA B 276 13.96 5.60 -3.84
CA ALA B 276 15.40 5.70 -3.53
C ALA B 276 15.96 4.34 -3.19
N THR B 277 17.14 4.01 -3.72
CA THR B 277 17.84 2.75 -3.48
C THR B 277 19.07 2.99 -2.60
N ASP B 278 19.34 4.29 -2.28
CA ASP B 278 20.46 4.81 -1.48
C ASP B 278 20.09 5.21 -0.03
N TYR B 279 18.91 4.77 0.43
CA TYR B 279 18.42 5.07 1.78
C TYR B 279 19.31 4.52 2.92
N THR B 280 19.24 5.17 4.10
CA THR B 280 19.97 4.80 5.32
C THR B 280 19.02 4.18 6.35
N SER B 281 19.56 3.88 7.55
CA SER B 281 18.78 3.34 8.67
C SER B 281 17.72 4.32 9.19
N SER B 282 17.78 5.61 8.78
CA SER B 282 16.82 6.65 9.18
C SER B 282 15.40 6.42 8.66
N ILE B 283 15.21 5.34 7.82
CA ILE B 283 13.90 4.95 7.33
C ILE B 283 13.10 4.37 8.52
N ASP B 284 13.79 3.66 9.45
CA ASP B 284 13.18 3.08 10.66
C ASP B 284 12.72 4.16 11.61
N VAL B 285 13.43 5.30 11.60
CA VAL B 285 13.13 6.46 12.44
C VAL B 285 11.82 7.12 11.97
N TRP B 286 11.67 7.27 10.65
CA TRP B 286 10.44 7.81 10.06
C TRP B 286 9.27 6.93 10.48
N SER B 287 9.43 5.59 10.29
CA SER B 287 8.44 4.58 10.65
C SER B 287 8.05 4.68 12.13
N ALA B 288 9.06 4.73 13.03
CA ALA B 288 8.85 4.91 14.46
C ALA B 288 8.04 6.21 14.75
N GLY B 289 8.41 7.31 14.08
CA GLY B 289 7.71 8.59 14.19
C GLY B 289 6.24 8.50 13.80
N CYS B 290 5.92 7.68 12.72
CA CYS B 290 4.57 7.42 12.22
C CYS B 290 3.77 6.63 13.28
N VAL B 291 4.46 5.71 14.00
CA VAL B 291 3.87 4.89 15.05
C VAL B 291 3.51 5.77 16.26
N LEU B 292 4.39 6.69 16.63
CA LEU B 292 4.18 7.64 17.74
C LEU B 292 2.96 8.52 17.46
N ALA B 293 2.92 9.17 16.28
CA ALA B 293 1.82 10.05 15.86
C ALA B 293 0.48 9.30 15.83
N GLU B 294 0.50 8.04 15.40
CA GLU B 294 -0.71 7.17 15.35
C GLU B 294 -1.23 6.85 16.76
N LEU B 295 -0.34 6.63 17.75
CA LEU B 295 -0.75 6.32 19.11
C LEU B 295 -1.34 7.55 19.78
N LEU B 296 -0.85 8.73 19.36
CA LEU B 296 -1.33 10.04 19.84
C LEU B 296 -2.68 10.40 19.21
N LEU B 297 -2.83 10.17 17.88
CA LEU B 297 -4.06 10.48 17.13
C LEU B 297 -5.19 9.49 17.29
N GLY B 298 -4.86 8.20 17.32
CA GLY B 298 -5.84 7.11 17.36
C GLY B 298 -6.11 6.56 15.96
N GLN B 299 -5.32 7.03 14.97
CA GLN B 299 -5.39 6.64 13.55
C GLN B 299 -4.05 6.95 12.85
N PRO B 300 -3.73 6.33 11.69
CA PRO B 300 -2.47 6.68 11.01
C PRO B 300 -2.40 8.16 10.62
N ILE B 301 -1.22 8.74 10.74
CA ILE B 301 -0.96 10.14 10.39
C ILE B 301 -0.94 10.37 8.87
N PHE B 302 -0.36 9.41 8.10
CA PHE B 302 -0.24 9.54 6.64
C PHE B 302 -0.89 8.37 5.90
N PRO B 303 -2.25 8.30 5.87
CA PRO B 303 -2.90 7.19 5.16
C PRO B 303 -2.95 7.42 3.63
N GLY B 304 -3.39 6.39 2.89
CA GLY B 304 -3.51 6.43 1.43
C GLY B 304 -3.10 5.12 0.83
N ASP B 305 -3.84 4.66 -0.21
CA ASP B 305 -3.59 3.38 -0.87
C ASP B 305 -2.60 3.46 -2.01
N SER B 306 -2.12 4.66 -2.28
CA SER B 306 -1.09 4.93 -3.29
C SER B 306 -0.03 5.85 -2.70
N GLY B 307 1.16 5.83 -3.30
CA GLY B 307 2.28 6.69 -2.92
C GLY B 307 1.91 8.15 -3.05
N VAL B 308 1.19 8.47 -4.10
CA VAL B 308 0.73 9.81 -4.36
C VAL B 308 -0.21 10.35 -3.25
N ASP B 309 -1.15 9.52 -2.74
CA ASP B 309 -2.09 9.88 -1.66
C ASP B 309 -1.35 10.07 -0.33
N GLN B 310 -0.41 9.18 -0.04
CA GLN B 310 0.44 9.20 1.14
C GLN B 310 1.25 10.49 1.16
N LEU B 311 1.89 10.84 0.00
CA LEU B 311 2.69 12.05 -0.19
C LEU B 311 1.86 13.33 0.02
N VAL B 312 0.60 13.32 -0.47
CA VAL B 312 -0.34 14.45 -0.29
C VAL B 312 -0.60 14.67 1.19
N GLU B 313 -0.81 13.58 1.96
CA GLU B 313 -1.03 13.62 3.41
C GLU B 313 0.21 14.15 4.17
N ILE B 314 1.42 13.76 3.72
CA ILE B 314 2.71 14.20 4.29
C ILE B 314 2.87 15.70 4.04
N ILE B 315 2.63 16.15 2.78
CA ILE B 315 2.71 17.56 2.36
C ILE B 315 1.72 18.43 3.14
N LYS B 316 0.51 17.92 3.43
CA LYS B 316 -0.52 18.61 4.21
C LYS B 316 -0.05 18.98 5.63
N VAL B 317 0.89 18.20 6.19
CA VAL B 317 1.43 18.41 7.54
C VAL B 317 2.79 19.13 7.47
N LEU B 318 3.74 18.54 6.74
CA LEU B 318 5.10 19.05 6.63
C LEU B 318 5.26 20.26 5.69
N GLY B 319 4.27 20.54 4.86
CA GLY B 319 4.38 21.58 3.84
C GLY B 319 5.07 20.99 2.62
N THR B 320 5.17 21.76 1.52
CA THR B 320 5.81 21.29 0.28
C THR B 320 7.33 21.10 0.46
N PRO B 321 7.93 19.95 0.08
CA PRO B 321 9.38 19.81 0.25
C PRO B 321 10.15 20.73 -0.71
N THR B 322 11.26 21.31 -0.24
CA THR B 322 12.09 22.19 -1.05
C THR B 322 12.85 21.38 -2.09
N ARG B 323 13.42 22.06 -3.13
CA ARG B 323 14.23 21.45 -4.20
C ARG B 323 15.45 20.74 -3.56
N GLU B 324 15.93 21.31 -2.44
CA GLU B 324 17.03 20.78 -1.64
C GLU B 324 16.56 19.51 -0.91
N GLN B 325 15.40 19.58 -0.21
CA GLN B 325 14.78 18.45 0.50
C GLN B 325 14.49 17.27 -0.45
N ILE B 326 14.07 17.56 -1.71
CA ILE B 326 13.80 16.55 -2.76
C ILE B 326 15.09 15.83 -3.13
N ARG B 327 16.20 16.59 -3.31
CA ARG B 327 17.54 16.09 -3.63
C ARG B 327 17.99 15.09 -2.54
N GLU B 328 17.79 15.45 -1.25
CA GLU B 328 18.13 14.64 -0.07
C GLU B 328 17.40 13.29 0.00
N MET B 329 16.19 13.19 -0.60
CA MET B 329 15.35 11.98 -0.68
C MET B 329 15.68 11.20 -1.99
N ASN B 330 15.29 11.75 -3.15
CA ASN B 330 15.61 11.18 -4.45
C ASN B 330 15.78 12.29 -5.49
N PRO B 331 17.02 12.48 -6.03
CA PRO B 331 17.25 13.57 -7.00
C PRO B 331 16.68 13.39 -8.42
N ASN B 332 16.00 12.26 -8.69
CA ASN B 332 15.38 11.97 -9.98
C ASN B 332 13.94 12.55 -10.06
N TYR B 333 13.45 13.11 -8.92
CA TYR B 333 12.10 13.68 -8.78
C TYR B 333 12.07 15.20 -8.49
N THR B 334 13.18 15.90 -8.84
CA THR B 334 13.37 17.34 -8.63
C THR B 334 12.62 18.20 -9.68
N GLU B 335 12.57 17.72 -10.94
CA GLU B 335 11.91 18.38 -12.07
C GLU B 335 10.37 18.14 -12.12
N PHE B 336 9.83 17.29 -11.19
CA PHE B 336 8.40 16.98 -11.09
C PHE B 336 7.74 17.97 -10.09
N LYS B 337 6.78 18.77 -10.59
CA LYS B 337 6.11 19.83 -9.81
C LYS B 337 5.15 19.32 -8.72
N PHE B 338 5.19 19.94 -7.53
CA PHE B 338 4.34 19.55 -6.40
C PHE B 338 3.33 20.65 -5.97
N PRO B 339 2.16 20.28 -5.37
CA PRO B 339 1.18 21.31 -4.94
C PRO B 339 1.69 22.16 -3.76
N GLN B 340 1.87 23.47 -4.02
CA GLN B 340 2.37 24.45 -3.03
C GLN B 340 1.45 24.68 -1.82
N ILE B 341 1.58 23.78 -0.81
CA ILE B 341 0.82 23.81 0.45
C ILE B 341 1.71 24.41 1.56
N LYS B 342 1.14 25.34 2.37
CA LYS B 342 1.84 25.98 3.49
C LYS B 342 2.24 24.99 4.59
N ALA B 343 3.34 25.30 5.30
CA ALA B 343 3.86 24.47 6.39
C ALA B 343 2.91 24.57 7.61
N HIS B 344 2.03 23.55 7.74
CA HIS B 344 1.04 23.42 8.81
C HIS B 344 1.68 23.35 10.25
N PRO B 345 1.11 24.07 11.26
CA PRO B 345 1.68 24.00 12.62
C PRO B 345 1.31 22.68 13.29
N TRP B 346 2.35 21.92 13.65
CA TRP B 346 2.27 20.61 14.30
C TRP B 346 1.31 20.53 15.51
N THR B 347 1.10 21.67 16.21
CA THR B 347 0.20 21.79 17.38
C THR B 347 -1.28 21.57 17.02
N LYS B 348 -1.68 21.98 15.78
CA LYS B 348 -3.05 21.82 15.25
C LYS B 348 -3.33 20.39 14.75
N VAL B 349 -2.27 19.59 14.49
CA VAL B 349 -2.34 18.19 14.03
C VAL B 349 -2.99 17.30 15.11
N PHE B 350 -2.54 17.47 16.37
CA PHE B 350 -3.00 16.67 17.50
C PHE B 350 -4.07 17.37 18.35
N ARG B 351 -4.81 16.60 19.18
CA ARG B 351 -5.83 17.11 20.10
C ARG B 351 -5.21 18.15 21.10
N PRO B 352 -6.03 19.05 21.73
CA PRO B 352 -5.44 20.06 22.63
C PRO B 352 -4.67 19.53 23.83
N ARG B 353 -5.12 18.39 24.40
CA ARG B 353 -4.50 17.76 25.57
C ARG B 353 -3.09 17.15 25.34
N THR B 354 -2.70 16.93 24.07
CA THR B 354 -1.42 16.35 23.67
C THR B 354 -0.21 17.09 24.27
N PRO B 355 0.67 16.35 25.02
CA PRO B 355 1.86 17.02 25.60
C PRO B 355 2.76 17.64 24.54
N PRO B 356 3.26 18.87 24.79
CA PRO B 356 4.14 19.54 23.80
C PRO B 356 5.42 18.80 23.43
N GLU B 357 6.00 18.02 24.37
CA GLU B 357 7.22 17.23 24.15
C GLU B 357 6.95 16.08 23.17
N ALA B 358 5.72 15.49 23.21
CA ALA B 358 5.27 14.45 22.27
C ALA B 358 5.24 15.04 20.85
N ILE B 359 4.65 16.25 20.68
CA ILE B 359 4.55 17.00 19.42
C ILE B 359 5.96 17.35 18.87
N ALA B 360 6.83 17.84 19.76
CA ALA B 360 8.22 18.20 19.46
C ALA B 360 9.01 16.98 18.98
N LEU B 361 8.79 15.80 19.62
CA LEU B 361 9.40 14.53 19.24
C LEU B 361 8.95 14.17 17.79
N CYS B 362 7.61 14.15 17.47
CA CYS B 362 7.11 13.85 16.11
C CYS B 362 7.80 14.73 15.06
N SER B 363 7.85 16.04 15.33
CA SER B 363 8.43 17.11 14.52
C SER B 363 9.85 16.77 14.10
N ARG B 364 10.63 16.24 15.04
CA ARG B 364 12.03 15.86 14.93
C ARG B 364 12.30 14.47 14.30
N LEU B 365 11.32 13.59 14.33
CA LEU B 365 11.41 12.26 13.74
C LEU B 365 10.86 12.32 12.29
N LEU B 366 9.71 13.00 12.09
CA LEU B 366 9.05 13.14 10.78
C LEU B 366 9.57 14.37 10.02
N GLU B 367 10.80 14.25 9.50
CA GLU B 367 11.55 15.26 8.76
C GLU B 367 11.80 14.77 7.34
N TYR B 368 11.66 15.66 6.32
CA TYR B 368 11.94 15.28 4.92
C TYR B 368 13.37 14.80 4.75
N THR B 369 14.35 15.62 5.19
CA THR B 369 15.78 15.36 5.11
C THR B 369 16.15 14.19 6.04
N PRO B 370 16.50 13.02 5.46
CA PRO B 370 16.84 11.85 6.31
C PRO B 370 17.85 12.12 7.40
N THR B 371 18.89 12.96 7.12
CA THR B 371 19.93 13.32 8.09
C THR B 371 19.43 14.23 9.22
N ALA B 372 18.34 15.01 8.99
CA ALA B 372 17.75 15.93 9.97
C ALA B 372 16.96 15.19 11.07
N ARG B 373 16.66 13.90 10.86
CA ARG B 373 15.91 13.09 11.83
C ARG B 373 16.76 12.73 13.01
N LEU B 374 16.15 12.68 14.23
CA LEU B 374 16.84 12.23 15.44
C LEU B 374 17.29 10.79 15.23
N THR B 375 18.32 10.38 15.95
CA THR B 375 18.76 9.00 15.87
C THR B 375 17.95 8.27 16.95
N PRO B 376 17.86 6.91 16.95
CA PRO B 376 17.14 6.23 18.03
C PRO B 376 17.66 6.59 19.42
N LEU B 377 19.00 6.66 19.60
CA LEU B 377 19.62 6.98 20.90
C LEU B 377 19.31 8.41 21.36
N GLU B 378 19.28 9.37 20.42
CA GLU B 378 18.93 10.76 20.69
C GLU B 378 17.46 10.85 21.09
N ALA B 379 16.60 10.03 20.43
CA ALA B 379 15.16 9.96 20.67
C ALA B 379 14.92 9.45 22.11
N CYS B 380 15.63 8.38 22.53
CA CYS B 380 15.58 7.82 23.88
C CYS B 380 15.82 8.91 24.94
N ALA B 381 16.74 9.86 24.66
CA ALA B 381 17.18 10.96 25.53
C ALA B 381 16.30 12.22 25.44
N HIS B 382 15.24 12.20 24.60
CA HIS B 382 14.31 13.33 24.41
C HIS B 382 13.50 13.59 25.68
N SER B 383 13.13 14.89 25.89
CA SER B 383 12.31 15.37 27.01
C SER B 383 11.03 14.55 27.24
N PHE B 384 10.41 14.05 26.15
CA PHE B 384 9.18 13.27 26.21
C PHE B 384 9.34 12.09 27.16
N PHE B 385 10.51 11.45 27.18
CA PHE B 385 10.75 10.27 28.00
C PHE B 385 11.23 10.53 29.44
N ASP B 386 11.28 11.80 29.87
CA ASP B 386 11.75 12.20 31.22
C ASP B 386 11.03 11.52 32.35
N GLU B 387 9.70 11.35 32.24
CA GLU B 387 8.89 10.67 33.26
C GLU B 387 9.39 9.24 33.52
N LEU B 388 9.96 8.59 32.48
CA LEU B 388 10.51 7.25 32.61
C LEU B 388 11.76 7.23 33.48
N ARG B 389 12.51 8.34 33.46
CA ARG B 389 13.72 8.52 34.23
C ARG B 389 13.45 9.01 35.67
N ASP B 390 12.17 9.29 36.02
CA ASP B 390 11.77 9.70 37.36
C ASP B 390 11.86 8.48 38.29
N PRO B 391 12.48 8.61 39.49
CA PRO B 391 12.64 7.41 40.36
C PRO B 391 11.34 6.89 40.95
N ASN B 392 10.29 7.73 40.96
CA ASN B 392 8.96 7.40 41.50
C ASN B 392 7.98 6.81 40.47
N VAL B 393 8.35 6.78 39.17
CA VAL B 393 7.50 6.23 38.11
C VAL B 393 7.10 4.76 38.40
N LYS B 394 5.82 4.44 38.19
CA LYS B 394 5.24 3.11 38.39
C LYS B 394 4.22 2.82 37.28
N LEU B 395 3.84 1.54 37.17
CA LEU B 395 2.84 1.09 36.21
C LEU B 395 1.47 1.32 36.77
N PRO B 396 0.45 1.46 35.90
CA PRO B 396 -0.92 1.64 36.42
C PRO B 396 -1.37 0.48 37.33
N ASN B 397 -0.80 -0.74 37.11
CA ASN B 397 -1.08 -1.95 37.89
C ASN B 397 -0.27 -2.03 39.20
N GLY B 398 0.49 -0.98 39.48
CA GLY B 398 1.30 -0.88 40.69
C GLY B 398 2.72 -1.36 40.56
N ARG B 399 3.00 -2.34 39.64
CA ARG B 399 4.35 -2.89 39.42
C ARG B 399 5.39 -1.82 39.02
N ASP B 400 6.67 -2.20 39.09
CA ASP B 400 7.79 -1.35 38.69
C ASP B 400 7.90 -1.39 37.16
N THR B 401 8.49 -0.31 36.58
CA THR B 401 8.71 -0.25 35.14
C THR B 401 9.72 -1.34 34.75
N PRO B 402 9.64 -1.89 33.51
CA PRO B 402 10.64 -2.91 33.11
C PRO B 402 12.05 -2.29 32.99
N ALA B 403 13.05 -3.11 32.58
CA ALA B 403 14.42 -2.64 32.38
C ALA B 403 14.42 -1.50 31.36
N LEU B 404 15.05 -0.37 31.69
CA LEU B 404 15.06 0.80 30.80
C LEU B 404 16.41 1.45 30.68
N PHE B 405 17.31 1.15 31.63
CA PHE B 405 18.59 1.82 31.77
C PHE B 405 19.85 0.95 31.65
N ASN B 406 19.69 -0.36 31.49
CA ASN B 406 20.77 -1.33 31.33
C ASN B 406 21.44 -1.22 29.93
N PHE B 407 21.91 -0.02 29.56
CA PHE B 407 22.59 0.21 28.27
C PHE B 407 23.95 -0.46 28.24
N THR B 408 24.34 -1.02 27.07
CA THR B 408 25.68 -1.60 26.84
C THR B 408 26.56 -0.60 26.08
N THR B 409 27.87 -0.89 25.96
CA THR B 409 28.84 -0.04 25.24
C THR B 409 28.41 0.00 23.77
N GLN B 410 28.00 -1.17 23.24
CA GLN B 410 27.51 -1.37 21.88
C GLN B 410 26.32 -0.45 21.64
N GLU B 411 25.31 -0.53 22.52
CA GLU B 411 24.06 0.24 22.48
C GLU B 411 24.30 1.75 22.49
N LEU B 412 25.32 2.21 23.24
CA LEU B 412 25.68 3.61 23.40
C LEU B 412 26.71 4.11 22.39
N SER B 413 27.32 3.18 21.62
CA SER B 413 28.39 3.43 20.66
C SER B 413 28.25 4.62 19.71
N SER B 414 27.03 4.93 19.29
CA SER B 414 26.78 6.06 18.37
C SER B 414 27.05 7.42 19.01
N ASN B 415 26.82 7.52 20.34
CA ASN B 415 27.02 8.74 21.08
C ASN B 415 27.18 8.43 22.58
N PRO B 416 28.37 7.92 23.03
CA PRO B 416 28.58 7.61 24.47
C PRO B 416 28.22 8.72 25.48
N PRO B 417 28.45 10.05 25.20
CA PRO B 417 28.05 11.09 26.17
C PRO B 417 26.57 11.10 26.56
N LEU B 418 25.69 10.55 25.69
CA LEU B 418 24.25 10.50 25.94
C LEU B 418 23.88 9.74 27.20
N ALA B 419 24.77 8.83 27.67
CA ALA B 419 24.58 8.03 28.89
C ALA B 419 24.42 8.91 30.14
N THR B 420 24.82 10.19 30.08
CA THR B 420 24.66 11.15 31.18
C THR B 420 23.18 11.49 31.36
N ILE B 421 22.40 11.50 30.25
CA ILE B 421 20.96 11.74 30.24
C ILE B 421 20.24 10.40 30.43
N LEU B 422 20.63 9.39 29.64
CA LEU B 422 20.02 8.06 29.60
C LEU B 422 20.02 7.23 30.86
N ILE B 423 21.13 7.25 31.61
CA ILE B 423 21.23 6.50 32.86
C ILE B 423 21.03 7.50 34.01
N PRO B 424 19.80 7.53 34.65
CA PRO B 424 19.57 8.49 35.73
C PRO B 424 20.30 8.08 37.04
N PRO B 425 20.53 9.00 38.00
CA PRO B 425 21.32 8.64 39.19
C PRO B 425 20.85 7.38 39.94
N HIS B 426 19.54 7.20 40.10
CA HIS B 426 18.98 6.04 40.80
C HIS B 426 19.21 4.69 40.10
N ALA B 427 19.49 4.71 38.78
CA ALA B 427 19.70 3.50 38.00
C ALA B 427 20.72 2.44 38.50
N ARG B 428 22.02 2.80 38.73
CA ARG B 428 23.06 1.84 39.20
C ARG B 428 22.69 1.11 40.52
N ILE B 429 22.76 -0.25 40.46
CA ILE B 429 22.44 -1.17 41.56
C ILE B 429 23.33 -2.45 41.47
N GLN B 430 23.45 -3.05 40.38
C1 KDI C . -25.95 7.46 -1.28
N2 KDI C . -24.70 6.78 -1.67
C3 KDI C . -24.75 6.27 -3.06
C4 KDI C . -23.52 7.63 -1.45
C5 KDI C . -22.22 6.81 -1.64
N6 KDI C . -22.28 5.78 -2.72
S7 KDI C . -20.86 5.16 -3.36
O8 KDI C . -19.82 5.33 -2.40
O9 KDI C . -21.18 3.91 -3.97
C10 KDI C . -20.49 6.25 -4.70
C11 KDI C . -21.05 5.96 -5.95
C12 KDI C . -20.78 6.80 -7.00
C13 KDI C . -19.98 7.96 -6.80
C14 KDI C . -19.47 8.27 -5.53
C15 KDI C . -19.72 7.41 -4.47
C16 KDI C . -19.67 8.82 -7.98
C17 KDI C . -20.65 9.06 -8.97
N18 KDI C . -20.36 9.80 -10.02
C19 KDI C . -19.13 10.28 -10.21
C20 KDI C . -18.11 10.05 -9.25
N21 KDI C . -18.43 9.28 -8.18
C22 KDI C . -16.71 10.56 -9.41
O23 KDI C . -16.33 11.08 -10.45
N24 KDI C . -15.87 10.43 -8.35
C25 KDI C . -14.45 10.83 -8.29
C27 KDI C . -16.08 7.46 -6.40
C30 KDI C . -13.61 9.56 -8.12
N31 KDI C . -18.87 11.04 -11.34
C6 KDI C . -23.59 5.28 -3.26
C28 KDI C . -14.07 8.67 -6.96
O29 KDI C . -15.03 7.68 -7.35
C1 KDI D . -4.00 -16.78 21.03
N2 KDI D . -3.77 -15.50 20.35
C3 KDI D . -2.89 -14.62 21.14
C4 KDI D . -3.23 -15.71 19.00
C5 KDI D . -3.17 -14.39 18.22
N6 KDI D . -2.75 -13.22 19.05
S7 KDI D . -2.00 -11.91 18.33
O8 KDI D . -2.50 -11.82 17.01
O9 KDI D . -2.06 -10.81 19.25
C10 KDI D . -0.29 -12.37 18.26
C11 KDI D . 0.19 -13.28 17.30
C12 KDI D . 1.54 -13.65 17.29
C13 KDI D . 2.40 -13.14 18.28
C14 KDI D . 1.91 -12.21 19.22
C15 KDI D . 0.58 -11.86 19.23
C16 KDI D . 3.85 -13.48 18.31
C17 KDI D . 4.40 -14.04 19.49
N18 KDI D . 5.70 -14.29 19.54
C19 KDI D . 6.50 -13.99 18.50
C20 KDI D . 5.99 -13.40 17.33
N21 KDI D . 4.67 -13.15 17.30
C22 KDI D . 6.85 -13.07 16.16
O23 KDI D . 8.03 -12.76 16.29
N24 KDI D . 6.26 -13.16 14.94
C25 KDI D . 6.86 -12.85 13.63
C27 KDI D . 3.33 -10.86 15.06
C30 KDI D . 5.98 -11.82 12.91
N31 KDI D . 7.85 -14.27 18.63
C6 KDI D . -2.97 -13.21 20.53
C28 KDI D . 4.47 -11.99 13.19
O29 KDI D . 3.94 -10.77 13.76
#